data_5U0M
#
_entry.id   5U0M
#
_cell.length_a   99.347
_cell.length_b   99.347
_cell.length_c   254.425
_cell.angle_alpha   90.00
_cell.angle_beta   90.00
_cell.angle_gamma   90.00
#
_symmetry.space_group_name_H-M   'P 41 21 2'
#
loop_
_entity.id
_entity.type
_entity.pdbx_description
1 polymer 'N-succinylglutamate 5-semialdehyde dehydrogenase'
2 non-polymer 1,2-ETHANEDIOL
3 non-polymer 'CITRIC ACID'
4 non-polymer NICOTINAMIDE-ADENINE-DINUCLEOTIDE
5 water water
#
_entity_poly.entity_id   1
_entity_poly.type   'polypeptide(L)'
_entity_poly.pdbx_seq_one_letter_code
;MHHHHHHANLTGNVYIDGLWLPGHGAPFESVQPVTGETVWDGNAASLEDVDAAVREARKAFLAWRRKSLAERQAVIEAFG
ELLEANKEELAHQIGLETGKPLWESRTEVAAMMGKIPISVKAYNERTGHTESDVAGGHAVLRHRPHGVVAVFGPYNFPGH
LPNGHIVPALLAGNTVVFKPSELTPGVAELTVRLWEKAGLPDGVINLVQGGSDTGKCLARHSLIDGLFFTGSSTVGHLLH
EQFGGQPEKILALEMGGNNPLIVQNVSDLDGAVHHALQSAFLSAGQRCTCARRLLVPKGKKGDEFLARLVEVAARITVAE
FDADPQPFMGSVISAEAANQLLKAQAAMLEKGATSLLEMKQLKPDTGLLSPGIVDATGIELEDQEFFGPLLTVYRYKGFD
EALELANNTRYGLSAGILSDDRKLYNRLVEEVRAGIVNWNRPLTGASSAAPFGGVGASGNHRPSAYYAADYCAWPMASLE
AGKSELPDSLAPGLNFD
;
_entity_poly.pdbx_strand_id   A,B
#
# COMPACT_ATOMS: atom_id res chain seq x y z
N ASN A 9 0.03 41.24 3.49
CA ASN A 9 1.01 40.18 3.24
C ASN A 9 0.40 38.98 2.52
N LEU A 10 -0.90 38.79 2.66
CA LEU A 10 -1.66 37.77 1.92
C LEU A 10 -2.55 38.44 0.88
N THR A 11 -3.15 37.59 0.03
CA THR A 11 -3.92 38.09 -1.11
C THR A 11 -5.23 37.33 -1.27
N GLY A 12 -5.17 36.01 -1.16
CA GLY A 12 -6.31 35.17 -1.46
C GLY A 12 -6.31 34.60 -2.86
N ASN A 13 -5.18 34.65 -3.56
CA ASN A 13 -5.10 34.12 -4.91
C ASN A 13 -4.85 32.61 -4.90
N VAL A 14 -5.18 31.99 -6.02
CA VAL A 14 -4.70 30.66 -6.38
C VAL A 14 -3.26 30.81 -6.87
N TYR A 15 -2.55 29.70 -7.01
CA TYR A 15 -1.15 29.69 -7.42
C TYR A 15 -0.94 28.50 -8.32
N ILE A 16 -0.65 28.75 -9.59
CA ILE A 16 -0.51 27.68 -10.58
C ILE A 16 0.65 28.00 -11.50
N ASP A 17 1.51 27.01 -11.73
CA ASP A 17 2.65 27.14 -12.65
C ASP A 17 3.51 28.34 -12.29
N GLY A 18 3.60 28.66 -10.99
CA GLY A 18 4.43 29.74 -10.52
C GLY A 18 3.78 31.10 -10.53
N LEU A 19 2.50 31.19 -10.90
CA LEU A 19 1.80 32.45 -11.09
C LEU A 19 0.62 32.53 -10.13
N TRP A 20 0.48 33.68 -9.48
CA TRP A 20 -0.65 33.92 -8.58
C TRP A 20 -1.80 34.50 -9.38
N LEU A 21 -3.00 33.93 -9.20
CA LEU A 21 -4.13 34.32 -10.01
C LEU A 21 -5.43 34.16 -9.25
N PRO A 22 -6.32 35.14 -9.27
CA PRO A 22 -7.63 34.96 -8.62
C PRO A 22 -8.37 33.76 -9.21
N GLY A 23 -9.05 33.02 -8.34
CA GLY A 23 -9.81 31.89 -8.80
C GLY A 23 -11.05 32.29 -9.59
N HIS A 24 -11.49 31.40 -10.47
CA HIS A 24 -12.70 31.62 -11.25
C HIS A 24 -13.96 31.15 -10.54
N GLY A 25 -13.85 30.52 -9.37
CA GLY A 25 -15.00 30.04 -8.66
C GLY A 25 -15.67 31.11 -7.82
N ALA A 26 -16.74 30.70 -7.14
CA ALA A 26 -17.49 31.63 -6.31
C ALA A 26 -16.67 32.04 -5.09
N PRO A 27 -16.76 33.28 -4.66
CA PRO A 27 -15.95 33.74 -3.53
C PRO A 27 -16.37 33.10 -2.21
N PHE A 28 -15.39 32.87 -1.35
CA PHE A 28 -15.62 32.53 0.04
C PHE A 28 -14.56 33.24 0.88
N GLU A 29 -14.73 33.15 2.20
CA GLU A 29 -13.83 33.81 3.13
C GLU A 29 -13.62 32.92 4.34
N SER A 30 -12.46 33.07 4.97
CA SER A 30 -12.07 32.31 6.15
C SER A 30 -12.23 33.20 7.38
N VAL A 31 -13.09 32.76 8.30
CA VAL A 31 -13.44 33.52 9.49
C VAL A 31 -12.66 32.99 10.69
N GLN A 32 -12.31 33.90 11.59
CA GLN A 32 -11.63 33.50 12.81
C GLN A 32 -12.64 32.84 13.74
N PRO A 33 -12.30 31.72 14.36
CA PRO A 33 -13.32 30.92 15.08
C PRO A 33 -13.94 31.64 16.27
N VAL A 34 -13.25 32.61 16.87
CA VAL A 34 -13.74 33.32 18.04
C VAL A 34 -13.99 34.79 17.76
N THR A 35 -13.08 35.44 17.03
CA THR A 35 -13.22 36.87 16.74
C THR A 35 -14.43 37.14 15.86
N GLY A 36 -14.76 36.21 14.97
CA GLY A 36 -15.83 36.40 14.02
C GLY A 36 -15.46 37.20 12.79
N GLU A 37 -14.43 38.04 12.87
CA GLU A 37 -14.02 38.86 11.75
C GLU A 37 -13.49 37.99 10.61
N THR A 38 -13.40 38.60 9.44
CA THR A 38 -12.86 37.91 8.28
C THR A 38 -11.35 37.82 8.40
N VAL A 39 -10.81 36.62 8.22
CA VAL A 39 -9.38 36.40 8.21
C VAL A 39 -8.83 36.18 6.80
N TRP A 40 -9.66 35.77 5.85
CA TRP A 40 -9.21 35.48 4.50
C TRP A 40 -10.36 35.77 3.55
N ASP A 41 -10.05 36.28 2.37
CA ASP A 41 -11.05 36.41 1.33
C ASP A 41 -10.44 35.93 0.02
N GLY A 42 -11.19 35.12 -0.72
CA GLY A 42 -10.64 34.63 -1.98
C GLY A 42 -11.69 33.91 -2.78
N ASN A 43 -11.34 33.63 -4.02
CA ASN A 43 -12.20 32.87 -4.92
C ASN A 43 -11.74 31.43 -4.94
N ALA A 44 -12.68 30.51 -4.80
CA ALA A 44 -12.33 29.10 -4.89
C ALA A 44 -12.02 28.74 -6.34
N ALA A 45 -11.12 27.78 -6.51
CA ALA A 45 -10.77 27.34 -7.85
C ALA A 45 -11.96 26.61 -8.48
N SER A 46 -12.21 26.91 -9.74
CA SER A 46 -13.32 26.30 -10.46
C SER A 46 -12.82 25.05 -11.18
N LEU A 47 -13.69 24.45 -11.99
CA LEU A 47 -13.32 23.24 -12.70
C LEU A 47 -12.08 23.48 -13.55
N GLU A 48 -12.15 24.43 -14.47
CA GLU A 48 -11.02 24.70 -15.35
C GLU A 48 -9.79 25.15 -14.57
N ASP A 49 -9.99 25.83 -13.43
CA ASP A 49 -8.84 26.15 -12.58
C ASP A 49 -8.11 24.89 -12.17
N VAL A 50 -8.85 23.88 -11.73
CA VAL A 50 -8.24 22.62 -11.30
C VAL A 50 -7.62 21.90 -12.48
N ASP A 51 -8.33 21.82 -13.61
CA ASP A 51 -7.75 21.24 -14.82
C ASP A 51 -6.41 21.90 -15.14
N ALA A 52 -6.32 23.21 -14.95
CA ALA A 52 -5.07 23.91 -15.18
C ALA A 52 -4.00 23.45 -14.19
N ALA A 53 -4.32 23.49 -12.89
CA ALA A 53 -3.36 23.07 -11.89
C ALA A 53 -2.81 21.69 -12.20
N VAL A 54 -3.70 20.76 -12.55
CA VAL A 54 -3.26 19.38 -12.82
C VAL A 54 -2.41 19.32 -14.07
N ARG A 55 -2.87 19.97 -15.15
CA ARG A 55 -2.11 19.96 -16.40
C ARG A 55 -0.69 20.53 -16.20
N GLU A 56 -0.58 21.61 -15.42
CA GLU A 56 0.71 22.27 -15.25
C GLU A 56 1.60 21.51 -14.29
N ALA A 57 1.03 20.88 -13.26
CA ALA A 57 1.82 20.00 -12.40
C ALA A 57 2.33 18.80 -13.16
N ARG A 58 1.51 18.27 -14.08
CA ARG A 58 1.96 17.16 -14.92
C ARG A 58 3.10 17.59 -15.82
N LYS A 59 2.96 18.75 -16.48
CA LYS A 59 4.06 19.28 -17.28
C LYS A 59 5.33 19.40 -16.44
N ALA A 60 5.23 20.05 -15.27
CA ALA A 60 6.40 20.29 -14.44
C ALA A 60 7.03 18.99 -13.94
N PHE A 61 6.23 17.93 -13.78
CA PHE A 61 6.77 16.67 -13.30
C PHE A 61 7.90 16.18 -14.19
N LEU A 62 7.66 16.14 -15.51
CA LEU A 62 8.65 15.64 -16.44
C LEU A 62 10.03 16.25 -16.17
N ALA A 63 10.07 17.53 -15.83
CA ALA A 63 11.35 18.19 -15.54
C ALA A 63 11.81 17.95 -14.11
N TRP A 64 10.87 17.81 -13.17
CA TRP A 64 11.24 17.68 -11.76
C TRP A 64 11.77 16.29 -11.44
N ARG A 65 11.14 15.25 -12.01
CA ARG A 65 11.59 13.89 -11.75
C ARG A 65 13.02 13.65 -12.19
N ARG A 66 13.52 14.42 -13.15
CA ARG A 66 14.87 14.19 -13.66
C ARG A 66 15.94 14.86 -12.82
N LYS A 67 15.59 15.86 -12.01
CA LYS A 67 16.54 16.40 -11.05
C LYS A 67 17.06 15.28 -10.16
N SER A 68 18.32 15.38 -9.75
CA SER A 68 18.85 14.37 -8.85
C SER A 68 18.14 14.46 -7.50
N LEU A 69 18.31 13.41 -6.68
CA LEU A 69 17.79 13.45 -5.33
C LEU A 69 18.43 14.56 -4.51
N ALA A 70 19.74 14.75 -4.68
CA ALA A 70 20.46 15.74 -3.87
C ALA A 70 19.89 17.14 -4.10
N GLU A 71 19.64 17.50 -5.35
CA GLU A 71 19.17 18.85 -5.68
C GLU A 71 17.80 19.12 -5.05
N ARG A 72 16.85 18.20 -5.25
CA ARG A 72 15.53 18.35 -4.62
C ARG A 72 15.67 18.46 -3.11
N GLN A 73 16.55 17.63 -2.53
CA GLN A 73 16.80 17.74 -1.09
C GLN A 73 17.30 19.14 -0.73
N ALA A 74 18.13 19.74 -1.57
CA ALA A 74 18.64 21.07 -1.29
C ALA A 74 17.53 22.12 -1.31
N VAL A 75 16.63 22.04 -2.29
CA VAL A 75 15.51 22.97 -2.34
C VAL A 75 14.64 22.81 -1.09
N ILE A 76 14.28 21.57 -0.76
CA ILE A 76 13.43 21.36 0.42
C ILE A 76 14.11 21.91 1.67
N GLU A 77 15.42 21.65 1.82
CA GLU A 77 16.14 22.17 2.97
C GLU A 77 16.05 23.70 2.99
N ALA A 78 16.19 24.33 1.83
CA ALA A 78 15.93 25.77 1.76
C ALA A 78 14.55 26.11 2.32
N PHE A 79 13.55 25.29 1.97
CA PHE A 79 12.22 25.45 2.57
C PHE A 79 12.29 25.40 4.09
N GLY A 80 13.11 24.50 4.63
CA GLY A 80 13.28 24.47 6.08
C GLY A 80 13.88 25.76 6.61
N GLU A 81 14.91 26.26 5.93
CA GLU A 81 15.52 27.54 6.31
C GLU A 81 14.45 28.62 6.40
N LEU A 82 13.53 28.66 5.43
CA LEU A 82 12.47 29.65 5.45
C LEU A 82 11.45 29.39 6.57
N LEU A 83 11.20 28.12 6.90
CA LEU A 83 10.32 27.83 8.02
C LEU A 83 10.88 28.37 9.33
N GLU A 84 12.15 28.06 9.62
CA GLU A 84 12.77 28.64 10.81
C GLU A 84 12.74 30.17 10.73
N ALA A 85 13.00 30.74 9.56
CA ALA A 85 13.13 32.19 9.44
C ALA A 85 11.83 32.91 9.78
N ASN A 86 10.68 32.29 9.50
CA ASN A 86 9.38 32.93 9.71
C ASN A 86 8.55 32.20 10.75
N LYS A 87 9.22 31.52 11.68
CA LYS A 87 8.52 30.66 12.63
C LYS A 87 7.36 31.36 13.31
N GLU A 88 7.59 32.57 13.83
CA GLU A 88 6.56 33.24 14.63
C GLU A 88 5.41 33.72 13.76
N GLU A 89 5.70 34.21 12.55
CA GLU A 89 4.62 34.72 11.70
C GLU A 89 3.68 33.59 11.26
N LEU A 90 4.25 32.43 10.93
CA LEU A 90 3.41 31.29 10.56
C LEU A 90 2.64 30.76 11.76
N ALA A 91 3.31 30.69 12.93
CA ALA A 91 2.58 30.35 14.15
C ALA A 91 1.38 31.26 14.33
N HIS A 92 1.56 32.57 14.16
CA HIS A 92 0.47 33.51 14.33
C HIS A 92 -0.63 33.29 13.30
N GLN A 93 -0.26 32.90 12.07
CA GLN A 93 -1.29 32.61 11.09
C GLN A 93 -2.12 31.40 11.51
N ILE A 94 -1.44 30.32 11.92
CA ILE A 94 -2.15 29.13 12.37
C ILE A 94 -3.08 29.45 13.53
N GLY A 95 -2.52 29.94 14.63
CA GLY A 95 -3.34 30.27 15.78
C GLY A 95 -4.49 31.19 15.44
N LEU A 96 -4.22 32.21 14.62
CA LEU A 96 -5.26 33.15 14.22
C LEU A 96 -6.40 32.43 13.52
N GLU A 97 -6.09 31.60 12.52
CA GLU A 97 -7.12 31.09 11.64
C GLU A 97 -7.82 29.86 12.20
N THR A 98 -7.20 29.13 13.14
CA THR A 98 -7.80 27.94 13.72
C THR A 98 -8.33 28.15 15.14
N GLY A 99 -7.80 29.14 15.86
CA GLY A 99 -8.09 29.29 17.27
C GLY A 99 -7.10 28.61 18.18
N LYS A 100 -6.17 27.85 17.63
CA LYS A 100 -5.16 27.18 18.44
C LYS A 100 -4.29 28.20 19.15
N PRO A 101 -4.00 28.01 20.43
CA PRO A 101 -3.12 28.96 21.13
C PRO A 101 -1.76 29.04 20.47
N LEU A 102 -1.12 30.20 20.62
CA LEU A 102 0.18 30.43 20.00
C LEU A 102 1.21 29.38 20.42
N TRP A 103 1.32 29.14 21.74
CA TRP A 103 2.43 28.33 22.23
C TRP A 103 2.47 26.95 21.59
N GLU A 104 1.30 26.41 21.17
CA GLU A 104 1.32 25.12 20.49
C GLU A 104 1.42 25.27 18.98
N SER A 105 0.85 26.32 18.41
CA SER A 105 1.05 26.57 16.98
C SER A 105 2.54 26.65 16.65
N ARG A 106 3.30 27.36 17.49
CA ARG A 106 4.76 27.37 17.35
C ARG A 106 5.30 25.94 17.30
N THR A 107 4.66 25.05 18.06
CA THR A 107 5.00 23.63 18.02
C THR A 107 4.71 23.04 16.64
N GLU A 108 3.53 23.35 16.08
CA GLU A 108 3.22 22.83 14.75
C GLU A 108 4.27 23.25 13.74
N VAL A 109 4.76 24.49 13.85
CA VAL A 109 5.80 24.94 12.93
C VAL A 109 7.06 24.11 13.12
N ALA A 110 7.55 24.03 14.37
CA ALA A 110 8.74 23.21 14.62
C ALA A 110 8.57 21.79 14.11
N ALA A 111 7.33 21.27 14.11
CA ALA A 111 7.06 19.95 13.55
C ALA A 111 7.21 19.94 12.04
N MET A 112 6.69 20.97 11.37
CA MET A 112 6.91 21.09 9.93
C MET A 112 8.40 21.07 9.62
N MET A 113 9.19 21.86 10.36
CA MET A 113 10.63 21.87 10.16
C MET A 113 11.22 20.48 10.35
N GLY A 114 10.85 19.80 11.43
CA GLY A 114 11.42 18.50 11.72
C GLY A 114 11.04 17.42 10.71
N LYS A 115 9.90 17.59 10.05
CA LYS A 115 9.43 16.60 9.08
C LYS A 115 10.41 16.41 7.92
N ILE A 116 11.46 17.22 7.82
CA ILE A 116 12.32 17.21 6.63
C ILE A 116 13.42 16.16 6.76
N PRO A 117 14.39 16.33 7.66
CA PRO A 117 15.48 15.35 7.72
C PRO A 117 14.99 13.93 7.90
N ILE A 118 13.91 13.75 8.66
CA ILE A 118 13.34 12.43 8.85
C ILE A 118 12.74 11.91 7.55
N SER A 119 12.09 12.79 6.78
CA SER A 119 11.62 12.40 5.45
C SER A 119 12.79 11.99 4.56
N VAL A 120 13.95 12.60 4.73
CA VAL A 120 15.13 12.23 3.97
C VAL A 120 15.58 10.82 4.34
N LYS A 121 15.87 10.61 5.62
CA LYS A 121 16.30 9.29 6.07
C LYS A 121 15.30 8.23 5.65
N ALA A 122 14.00 8.56 5.76
CA ALA A 122 12.96 7.65 5.32
C ALA A 122 13.07 7.34 3.84
N TYR A 123 13.30 8.36 3.01
CA TYR A 123 13.46 8.12 1.59
C TYR A 123 14.63 7.18 1.33
N ASN A 124 15.75 7.40 2.02
CA ASN A 124 16.94 6.60 1.76
C ASN A 124 16.81 5.19 2.30
N GLU A 125 15.97 4.95 3.31
CA GLU A 125 15.79 3.60 3.81
C GLU A 125 14.69 2.84 3.07
N ARG A 126 13.48 3.39 3.06
CA ARG A 126 12.35 2.67 2.48
C ARG A 126 12.36 2.67 0.95
N THR A 127 12.97 3.68 0.32
CA THR A 127 12.95 3.82 -1.13
C THR A 127 14.27 4.43 -1.63
N GLY A 128 15.39 3.81 -1.26
CA GLY A 128 16.70 4.25 -1.67
C GLY A 128 17.19 3.59 -2.95
N HIS A 129 18.52 3.59 -3.10
CA HIS A 129 19.22 3.01 -4.25
C HIS A 129 20.19 1.96 -3.74
N THR A 130 19.98 0.70 -4.11
CA THR A 130 20.84 -0.38 -3.65
C THR A 130 21.28 -1.28 -4.79
N GLU A 131 22.47 -1.88 -4.66
CA GLU A 131 23.05 -2.72 -5.70
C GLU A 131 23.69 -3.95 -5.09
N SER A 132 23.51 -5.10 -5.74
CA SER A 132 24.01 -6.36 -5.23
C SER A 132 24.22 -7.32 -6.38
N ASP A 133 25.16 -8.25 -6.22
CA ASP A 133 25.37 -9.32 -7.18
C ASP A 133 24.56 -10.54 -6.74
N VAL A 134 23.71 -11.04 -7.64
CA VAL A 134 22.86 -12.18 -7.36
C VAL A 134 22.94 -13.15 -8.55
N ALA A 135 22.21 -14.27 -8.42
CA ALA A 135 22.34 -15.36 -9.39
C ALA A 135 22.07 -14.87 -10.80
N GLY A 136 21.00 -14.11 -11.00
CA GLY A 136 20.65 -13.65 -12.32
C GLY A 136 21.45 -12.47 -12.83
N GLY A 137 22.58 -12.18 -12.20
CA GLY A 137 23.43 -11.09 -12.66
C GLY A 137 23.63 -10.01 -11.62
N HIS A 138 23.93 -8.79 -12.06
CA HIS A 138 24.14 -7.66 -11.15
C HIS A 138 22.82 -6.91 -11.01
N ALA A 139 22.14 -7.12 -9.88
CA ALA A 139 20.82 -6.54 -9.64
C ALA A 139 20.93 -5.17 -8.97
N VAL A 140 20.02 -4.27 -9.36
CA VAL A 140 19.98 -2.91 -8.85
C VAL A 140 18.52 -2.54 -8.56
N LEU A 141 18.32 -1.73 -7.53
CA LEU A 141 17.01 -1.27 -7.12
C LEU A 141 17.01 0.23 -6.92
N ARG A 142 16.10 0.93 -7.60
CA ARG A 142 15.89 2.36 -7.41
C ARG A 142 14.39 2.62 -7.29
N HIS A 143 14.04 3.80 -6.80
CA HIS A 143 12.64 4.15 -6.55
C HIS A 143 12.26 5.41 -7.29
N ARG A 144 11.13 5.34 -8.02
CA ARG A 144 10.58 6.34 -8.91
C ARG A 144 9.34 7.01 -8.31
N PRO A 145 9.12 8.29 -8.58
CA PRO A 145 7.89 8.94 -8.13
C PRO A 145 6.70 8.56 -9.00
N HIS A 146 5.50 8.83 -8.48
CA HIS A 146 4.29 8.47 -9.22
C HIS A 146 3.95 9.52 -10.27
N GLY A 147 4.01 10.80 -9.91
CA GLY A 147 3.64 11.85 -10.84
C GLY A 147 2.90 12.98 -10.15
N VAL A 148 1.67 13.23 -10.59
CA VAL A 148 0.85 14.29 -10.02
C VAL A 148 0.06 13.70 -8.86
N VAL A 149 0.32 14.19 -7.65
CA VAL A 149 -0.35 13.73 -6.45
C VAL A 149 -1.18 14.88 -5.89
N ALA A 150 -2.48 14.64 -5.76
CA ALA A 150 -3.38 15.62 -5.16
C ALA A 150 -3.34 15.45 -3.65
N VAL A 151 -3.01 16.51 -2.93
CA VAL A 151 -2.85 16.47 -1.48
C VAL A 151 -3.99 17.25 -0.86
N PHE A 152 -4.77 16.58 -0.01
CA PHE A 152 -5.85 17.26 0.70
C PHE A 152 -5.42 17.49 2.14
N GLY A 153 -5.67 18.69 2.65
CA GLY A 153 -5.21 19.08 3.96
C GLY A 153 -6.35 19.26 4.94
N PRO A 154 -6.13 18.83 6.18
CA PRO A 154 -7.15 19.02 7.22
C PRO A 154 -7.24 20.46 7.67
N TYR A 155 -7.91 20.69 8.80
CA TYR A 155 -7.98 22.02 9.39
C TYR A 155 -7.42 22.09 10.80
N ASN A 156 -7.32 20.96 11.51
CA ASN A 156 -6.75 20.99 12.86
C ASN A 156 -5.27 21.29 12.82
N PHE A 157 -4.55 20.69 11.87
CA PHE A 157 -3.14 20.95 11.61
C PHE A 157 -3.01 21.34 10.14
N PRO A 158 -3.39 22.57 9.80
CA PRO A 158 -3.27 23.01 8.40
C PRO A 158 -1.82 23.17 7.94
N GLY A 159 -0.86 22.96 8.83
CA GLY A 159 0.54 23.05 8.48
C GLY A 159 1.29 21.73 8.58
N HIS A 160 1.20 21.06 9.72
CA HIS A 160 1.99 19.84 9.93
C HIS A 160 1.60 18.73 8.99
N LEU A 161 0.30 18.38 8.93
CA LEU A 161 -0.11 17.20 8.19
C LEU A 161 0.08 17.38 6.69
N PRO A 162 -0.51 18.39 6.06
CA PRO A 162 -0.24 18.61 4.63
C PRO A 162 1.25 18.56 4.34
N ASN A 163 2.07 19.17 5.19
CA ASN A 163 3.51 19.09 5.01
C ASN A 163 3.99 17.64 5.05
N GLY A 164 3.50 16.87 6.03
CA GLY A 164 3.84 15.48 6.16
C GLY A 164 3.53 14.66 4.93
N HIS A 165 2.59 15.12 4.10
CA HIS A 165 2.45 14.51 2.78
C HIS A 165 3.37 15.14 1.73
N ILE A 166 3.54 16.47 1.78
CA ILE A 166 4.15 17.20 0.67
C ILE A 166 5.65 16.97 0.61
N VAL A 167 6.34 17.07 1.75
CA VAL A 167 7.78 16.88 1.73
C VAL A 167 8.10 15.51 1.14
N PRO A 168 7.61 14.42 1.73
CA PRO A 168 7.94 13.09 1.18
C PRO A 168 7.63 12.95 -0.30
N ALA A 169 6.56 13.60 -0.79
CA ALA A 169 6.21 13.48 -2.20
C ALA A 169 7.16 14.26 -3.08
N LEU A 170 7.38 15.54 -2.76
CA LEU A 170 8.31 16.36 -3.54
C LEU A 170 9.70 15.74 -3.57
N LEU A 171 10.21 15.36 -2.41
CA LEU A 171 11.55 14.78 -2.31
C LEU A 171 11.70 13.60 -3.27
N ALA A 172 10.71 12.71 -3.29
CA ALA A 172 10.78 11.54 -4.15
C ALA A 172 10.54 11.86 -5.63
N GLY A 173 10.36 13.14 -5.98
CA GLY A 173 10.19 13.54 -7.37
C GLY A 173 8.76 13.78 -7.82
N ASN A 174 7.80 13.77 -6.91
CA ASN A 174 6.42 13.99 -7.29
C ASN A 174 6.13 15.50 -7.35
N THR A 175 5.06 15.84 -8.07
CA THR A 175 4.52 17.19 -8.06
C THR A 175 3.13 17.17 -7.42
N VAL A 176 2.78 18.30 -6.80
CA VAL A 176 1.65 18.36 -5.87
C VAL A 176 0.65 19.40 -6.34
N VAL A 177 -0.63 19.03 -6.27
CA VAL A 177 -1.74 19.96 -6.44
C VAL A 177 -2.45 20.00 -5.11
N PHE A 178 -2.12 20.99 -4.28
CA PHE A 178 -2.57 21.05 -2.90
C PHE A 178 -3.93 21.75 -2.83
N LYS A 179 -4.90 21.07 -2.24
CA LYS A 179 -6.23 21.64 -1.97
C LYS A 179 -6.43 21.67 -0.47
N PRO A 180 -6.25 22.83 0.18
CA PRO A 180 -6.40 22.91 1.62
C PRO A 180 -7.86 22.96 2.04
N SER A 181 -8.08 22.82 3.34
CA SER A 181 -9.41 22.92 3.90
C SER A 181 -10.00 24.30 3.61
N GLU A 182 -11.30 24.34 3.33
CA GLU A 182 -11.92 25.65 3.16
C GLU A 182 -12.07 26.39 4.48
N LEU A 183 -11.57 25.82 5.57
CA LEU A 183 -11.54 26.50 6.86
C LEU A 183 -10.16 27.05 7.20
N THR A 184 -9.12 26.64 6.46
CA THR A 184 -7.76 27.15 6.70
C THR A 184 -7.06 27.46 5.39
N PRO A 185 -7.69 28.21 4.47
CA PRO A 185 -7.01 28.54 3.21
C PRO A 185 -5.82 29.46 3.40
N GLY A 186 -5.87 30.36 4.39
CA GLY A 186 -4.77 31.29 4.58
C GLY A 186 -3.47 30.60 4.87
N VAL A 187 -3.47 29.68 5.84
CA VAL A 187 -2.28 28.90 6.14
C VAL A 187 -1.71 28.28 4.87
N ALA A 188 -2.60 27.76 4.01
CA ALA A 188 -2.16 27.16 2.76
C ALA A 188 -1.43 28.20 1.89
N GLU A 189 -2.10 29.32 1.60
CA GLU A 189 -1.49 30.33 0.74
C GLU A 189 -0.13 30.77 1.28
N LEU A 190 -0.04 31.02 2.58
CA LEU A 190 1.23 31.44 3.17
C LEU A 190 2.30 30.37 2.98
N THR A 191 1.96 29.11 3.31
CA THR A 191 2.93 28.03 3.16
C THR A 191 3.42 27.93 1.72
N VAL A 192 2.51 28.07 0.75
CA VAL A 192 2.90 28.04 -0.65
C VAL A 192 3.86 29.17 -0.96
N ARG A 193 3.54 30.39 -0.51
CA ARG A 193 4.47 31.49 -0.73
C ARG A 193 5.84 31.17 -0.14
N LEU A 194 5.88 30.44 0.98
CA LEU A 194 7.16 30.03 1.53
C LEU A 194 7.87 29.01 0.65
N TRP A 195 7.11 28.14 -0.04
CA TRP A 195 7.74 27.24 -1.00
C TRP A 195 8.30 27.99 -2.20
N GLU A 196 7.56 29.00 -2.67
CA GLU A 196 8.04 29.85 -3.76
C GLU A 196 9.36 30.48 -3.39
N LYS A 197 9.39 31.29 -2.34
CA LYS A 197 10.59 31.97 -1.87
C LYS A 197 11.72 30.97 -1.62
N ALA A 198 11.41 29.67 -1.65
CA ALA A 198 12.41 28.63 -1.46
C ALA A 198 13.02 28.14 -2.77
N GLY A 199 12.50 28.57 -3.90
CA GLY A 199 13.05 28.16 -5.18
C GLY A 199 12.40 26.95 -5.81
N LEU A 200 11.17 26.65 -5.46
CA LEU A 200 10.50 25.49 -6.03
C LEU A 200 10.12 25.79 -7.47
N PRO A 201 10.56 25.00 -8.44
CA PRO A 201 10.25 25.29 -9.85
C PRO A 201 8.76 25.49 -10.09
N ASP A 202 8.45 26.24 -11.15
CA ASP A 202 7.06 26.54 -11.47
C ASP A 202 6.28 25.27 -11.76
N GLY A 203 5.12 25.13 -11.12
CA GLY A 203 4.25 24.00 -11.33
C GLY A 203 4.57 22.75 -10.53
N VAL A 204 5.65 22.76 -9.74
CA VAL A 204 5.95 21.59 -8.92
C VAL A 204 5.01 21.50 -7.73
N ILE A 205 4.52 22.65 -7.26
CA ILE A 205 3.43 22.71 -6.30
C ILE A 205 2.43 23.71 -6.84
N ASN A 206 1.14 23.43 -6.65
CA ASN A 206 0.09 24.27 -7.23
C ASN A 206 -1.06 24.34 -6.25
N LEU A 207 -1.41 25.55 -5.82
CA LEU A 207 -2.43 25.74 -4.79
C LEU A 207 -3.78 25.96 -5.44
N VAL A 208 -4.77 25.18 -4.99
CA VAL A 208 -6.14 25.27 -5.49
C VAL A 208 -7.06 25.42 -4.28
N GLN A 209 -7.41 26.66 -3.94
CA GLN A 209 -8.34 26.91 -2.87
C GLN A 209 -9.74 26.43 -3.25
N GLY A 210 -10.60 26.30 -2.25
CA GLY A 210 -11.99 25.96 -2.49
C GLY A 210 -12.53 25.10 -1.37
N GLY A 211 -13.79 24.69 -1.56
CA GLY A 211 -14.47 23.85 -0.60
C GLY A 211 -14.76 22.45 -1.12
N SER A 212 -16.01 22.00 -0.98
CA SER A 212 -16.36 20.66 -1.41
C SER A 212 -16.31 20.52 -2.93
N ASP A 213 -16.86 21.49 -3.65
CA ASP A 213 -16.89 21.41 -5.11
C ASP A 213 -15.49 21.31 -5.67
N THR A 214 -14.59 22.19 -5.21
CA THR A 214 -13.21 22.20 -5.70
C THR A 214 -12.53 20.85 -5.45
N GLY A 215 -12.61 20.36 -4.21
CA GLY A 215 -11.99 19.07 -3.91
C GLY A 215 -12.56 17.94 -4.75
N LYS A 216 -13.87 17.95 -4.99
CA LYS A 216 -14.46 16.97 -5.89
C LYS A 216 -13.82 17.07 -7.27
N CYS A 217 -13.79 18.28 -7.85
CA CYS A 217 -13.21 18.43 -9.18
C CYS A 217 -11.77 17.94 -9.23
N LEU A 218 -11.03 18.09 -8.14
CA LEU A 218 -9.66 17.60 -8.11
C LEU A 218 -9.61 16.08 -8.06
N ALA A 219 -10.34 15.48 -7.13
CA ALA A 219 -10.28 14.03 -6.95
C ALA A 219 -10.77 13.30 -8.20
N ARG A 220 -11.85 13.79 -8.81
CA ARG A 220 -12.39 13.16 -10.01
C ARG A 220 -11.52 13.37 -11.23
N HIS A 221 -10.55 14.28 -11.17
CA HIS A 221 -9.81 14.67 -12.36
C HIS A 221 -9.03 13.49 -12.91
N SER A 222 -9.26 13.16 -14.17
CA SER A 222 -8.74 11.93 -14.77
C SER A 222 -7.23 11.94 -14.96
N LEU A 223 -6.51 12.97 -14.53
CA LEU A 223 -5.08 13.06 -14.80
C LEU A 223 -4.20 13.04 -13.57
N ILE A 224 -4.76 12.97 -12.37
CA ILE A 224 -3.91 12.79 -11.20
C ILE A 224 -3.37 11.37 -11.22
N ASP A 225 -2.16 11.20 -10.72
CA ASP A 225 -1.53 9.90 -10.60
C ASP A 225 -1.49 9.41 -9.16
N GLY A 226 -1.94 10.23 -8.22
CA GLY A 226 -2.06 9.81 -6.83
C GLY A 226 -2.90 10.79 -6.05
N LEU A 227 -3.46 10.30 -4.94
CA LEU A 227 -4.22 11.15 -4.03
C LEU A 227 -3.83 10.81 -2.60
N PHE A 228 -3.39 11.84 -1.87
CA PHE A 228 -2.97 11.72 -0.48
C PHE A 228 -3.97 12.49 0.37
N PHE A 229 -4.57 11.82 1.34
CA PHE A 229 -5.72 12.35 2.05
C PHE A 229 -5.52 12.26 3.56
N THR A 230 -5.85 13.36 4.24
CA THR A 230 -6.01 13.37 5.69
C THR A 230 -7.36 14.00 5.99
N GLY A 231 -8.26 13.23 6.57
CA GLY A 231 -9.59 13.75 6.88
C GLY A 231 -10.47 12.67 7.46
N SER A 232 -11.77 12.98 7.51
CA SER A 232 -12.72 12.10 8.17
C SER A 232 -12.78 10.75 7.48
N SER A 233 -13.02 9.71 8.29
CA SER A 233 -13.24 8.39 7.72
C SER A 233 -14.42 8.40 6.76
N THR A 234 -15.35 9.33 6.96
CA THR A 234 -16.51 9.47 6.09
C THR A 234 -16.08 9.83 4.67
N VAL A 235 -15.52 11.03 4.52
CA VAL A 235 -15.08 11.47 3.20
C VAL A 235 -13.96 10.56 2.68
N GLY A 236 -13.09 10.09 3.57
CA GLY A 236 -12.06 9.15 3.14
C GLY A 236 -12.65 7.92 2.49
N HIS A 237 -13.70 7.35 3.09
CA HIS A 237 -14.37 6.22 2.47
C HIS A 237 -15.03 6.63 1.16
N LEU A 238 -15.60 7.84 1.09
CA LEU A 238 -16.15 8.30 -0.18
C LEU A 238 -15.08 8.25 -1.27
N LEU A 239 -13.91 8.82 -1.00
CA LEU A 239 -12.83 8.79 -1.98
C LEU A 239 -12.47 7.36 -2.34
N HIS A 240 -12.20 6.52 -1.33
CA HIS A 240 -11.81 5.15 -1.63
C HIS A 240 -12.85 4.47 -2.53
N GLU A 241 -14.12 4.71 -2.25
CA GLU A 241 -15.19 4.17 -3.08
C GLU A 241 -15.11 4.72 -4.49
N GLN A 242 -14.73 6.00 -4.62
CA GLN A 242 -14.63 6.63 -5.94
C GLN A 242 -13.60 5.92 -6.82
N PHE A 243 -12.41 5.66 -6.28
CA PHE A 243 -11.36 5.01 -7.05
C PHE A 243 -11.59 3.52 -7.23
N GLY A 244 -12.68 2.96 -6.71
CA GLY A 244 -12.96 1.55 -6.91
C GLY A 244 -12.82 1.15 -8.36
N GLY A 245 -11.81 0.34 -8.67
CA GLY A 245 -11.54 -0.08 -10.02
C GLY A 245 -10.40 0.65 -10.70
N GLN A 246 -9.72 1.57 -10.01
CA GLN A 246 -8.61 2.34 -10.57
C GLN A 246 -7.38 2.12 -9.70
N PRO A 247 -6.80 0.92 -9.75
CA PRO A 247 -5.56 0.67 -8.98
C PRO A 247 -4.39 1.47 -9.48
N GLU A 248 -4.46 2.02 -10.69
CA GLU A 248 -3.33 2.74 -11.25
C GLU A 248 -3.06 4.02 -10.46
N LYS A 249 -4.10 4.59 -9.86
CA LYS A 249 -3.97 5.81 -9.08
C LYS A 249 -3.75 5.42 -7.63
N ILE A 250 -2.54 5.70 -7.12
CA ILE A 250 -2.20 5.33 -5.75
C ILE A 250 -2.90 6.25 -4.77
N LEU A 251 -3.61 5.68 -3.81
CA LEU A 251 -4.37 6.45 -2.84
C LEU A 251 -3.88 6.13 -1.43
N ALA A 252 -3.67 7.17 -0.63
CA ALA A 252 -3.30 7.03 0.78
C ALA A 252 -4.33 7.74 1.63
N LEU A 253 -4.94 7.02 2.58
CA LEU A 253 -5.99 7.54 3.43
C LEU A 253 -5.55 7.58 4.89
N GLU A 254 -5.67 8.76 5.51
CA GLU A 254 -5.33 8.96 6.91
C GLU A 254 -6.59 9.52 7.56
N MET A 255 -7.21 8.74 8.45
CA MET A 255 -8.56 9.06 8.91
C MET A 255 -8.61 8.98 10.44
N GLY A 256 -9.77 9.32 11.01
CA GLY A 256 -9.90 9.49 12.45
C GLY A 256 -9.88 8.22 13.28
N GLY A 257 -10.39 8.29 14.51
CA GLY A 257 -10.45 7.11 15.36
C GLY A 257 -11.17 7.39 16.66
N ASN A 258 -11.70 6.32 17.24
CA ASN A 258 -12.37 6.36 18.55
C ASN A 258 -11.39 5.86 19.61
N ASN A 259 -10.35 6.65 19.80
CA ASN A 259 -9.15 6.19 20.49
C ASN A 259 -9.40 5.94 21.98
N PRO A 260 -9.06 4.77 22.51
CA PRO A 260 -9.26 4.49 23.94
C PRO A 260 -8.02 4.68 24.82
N LEU A 261 -8.19 5.24 26.01
CA LEU A 261 -7.11 5.35 26.99
C LEU A 261 -7.51 4.63 28.28
N ILE A 262 -6.66 3.70 28.71
CA ILE A 262 -6.86 2.93 29.93
C ILE A 262 -5.90 3.46 31.00
N VAL A 263 -6.41 3.62 32.21
CA VAL A 263 -5.61 4.07 33.35
C VAL A 263 -5.98 3.19 34.54
N GLN A 264 -5.10 2.23 34.86
CA GLN A 264 -5.31 1.29 35.95
C GLN A 264 -3.99 1.06 36.66
N ASN A 265 -4.02 1.11 38.00
CA ASN A 265 -2.83 0.87 38.80
C ASN A 265 -1.73 1.90 38.52
N VAL A 266 -2.04 3.15 38.83
CA VAL A 266 -1.07 4.23 38.77
C VAL A 266 -0.82 4.70 40.19
N SER A 267 0.45 4.73 40.59
CA SER A 267 0.84 5.16 41.93
C SER A 267 1.06 6.67 42.02
N ASP A 268 1.18 7.35 40.89
CA ASP A 268 1.37 8.81 40.84
C ASP A 268 0.10 9.40 40.25
N LEU A 269 -0.78 9.86 41.12
CA LEU A 269 -2.10 10.33 40.69
C LEU A 269 -1.98 11.48 39.70
N ASP A 270 -1.40 12.60 40.14
CA ASP A 270 -1.36 13.79 39.29
C ASP A 270 -0.65 13.53 37.98
N GLY A 271 0.29 12.58 37.94
CA GLY A 271 0.92 12.23 36.68
C GLY A 271 -0.05 11.63 35.69
N ALA A 272 -0.75 10.57 36.09
CA ALA A 272 -1.72 9.95 35.20
C ALA A 272 -2.84 10.91 34.84
N VAL A 273 -3.23 11.79 35.76
CA VAL A 273 -4.21 12.82 35.42
C VAL A 273 -3.65 13.75 34.35
N HIS A 274 -2.37 14.10 34.49
CA HIS A 274 -1.68 14.87 33.46
C HIS A 274 -1.81 14.21 32.10
N HIS A 275 -1.26 13.01 31.96
CA HIS A 275 -1.27 12.33 30.67
C HIS A 275 -2.69 12.19 30.12
N ALA A 276 -3.66 11.95 31.00
CA ALA A 276 -5.04 11.87 30.55
C ALA A 276 -5.50 13.19 29.92
N LEU A 277 -5.32 14.30 30.64
CA LEU A 277 -5.75 15.60 30.12
C LEU A 277 -5.03 15.92 28.80
N GLN A 278 -3.71 15.70 28.75
CA GLN A 278 -3.00 15.77 27.48
C GLN A 278 -3.75 15.03 26.39
N SER A 279 -4.02 13.74 26.61
CA SER A 279 -4.51 12.90 25.53
C SER A 279 -5.92 13.27 25.08
N ALA A 280 -6.78 13.70 26.01
CA ALA A 280 -8.18 13.92 25.67
C ALA A 280 -8.52 15.37 25.36
N PHE A 281 -7.75 16.34 25.84
CA PHE A 281 -8.14 17.74 25.77
C PHE A 281 -7.14 18.67 25.10
N LEU A 282 -5.93 18.21 24.82
CA LEU A 282 -4.95 19.06 24.15
C LEU A 282 -5.46 19.48 22.77
N SER A 283 -5.24 20.74 22.42
CA SER A 283 -5.73 21.30 21.16
C SER A 283 -7.25 21.26 21.09
N ALA A 284 -7.91 21.46 22.24
CA ALA A 284 -9.36 21.33 22.35
C ALA A 284 -9.83 19.95 21.88
N GLY A 285 -9.01 18.93 22.12
CA GLY A 285 -9.34 17.60 21.66
C GLY A 285 -9.47 17.48 20.17
N GLN A 286 -8.75 18.30 19.41
CA GLN A 286 -8.82 18.29 17.96
C GLN A 286 -7.59 17.65 17.31
N ARG A 287 -6.85 16.83 18.06
CA ARG A 287 -5.78 16.04 17.48
C ARG A 287 -6.30 14.65 17.18
N CYS A 288 -6.08 14.18 15.95
CA CYS A 288 -6.64 12.92 15.52
C CYS A 288 -6.23 11.75 16.41
N THR A 289 -5.12 11.86 17.13
CA THR A 289 -4.70 10.83 18.07
C THR A 289 -5.22 11.06 19.48
N CYS A 290 -6.18 11.99 19.65
CA CYS A 290 -6.75 12.18 20.97
C CYS A 290 -7.52 10.95 21.42
N ALA A 291 -7.55 10.76 22.74
CA ALA A 291 -8.38 9.73 23.34
C ALA A 291 -9.80 10.27 23.45
N ARG A 292 -10.74 9.63 22.74
CA ARG A 292 -12.14 10.00 22.81
C ARG A 292 -12.87 9.30 23.94
N ARG A 293 -12.25 8.27 24.52
CA ARG A 293 -12.87 7.40 25.52
C ARG A 293 -11.83 7.04 26.56
N LEU A 294 -12.13 7.32 27.83
CA LEU A 294 -11.24 6.99 28.94
C LEU A 294 -11.81 5.80 29.69
N LEU A 295 -10.94 4.84 30.04
CA LEU A 295 -11.36 3.59 30.67
C LEU A 295 -10.72 3.52 32.05
N VAL A 296 -11.55 3.45 33.09
CA VAL A 296 -11.07 3.50 34.46
C VAL A 296 -11.62 2.30 35.23
N PRO A 297 -10.79 1.60 35.98
CA PRO A 297 -11.26 0.41 36.69
C PRO A 297 -12.35 0.76 37.68
N LYS A 298 -13.41 -0.05 37.71
CA LYS A 298 -14.53 0.20 38.59
C LYS A 298 -14.06 0.17 40.05
N GLY A 299 -14.61 1.07 40.86
CA GLY A 299 -14.35 1.09 42.28
C GLY A 299 -13.45 2.21 42.76
N LYS A 300 -13.00 2.05 44.01
CA LYS A 300 -12.32 3.11 44.76
C LYS A 300 -11.20 3.79 43.97
N LYS A 301 -10.27 3.00 43.42
CA LYS A 301 -9.12 3.62 42.75
C LYS A 301 -9.56 4.52 41.61
N GLY A 302 -10.45 4.03 40.75
CA GLY A 302 -10.95 4.86 39.68
C GLY A 302 -11.74 6.04 40.20
N ASP A 303 -12.48 5.85 41.29
CA ASP A 303 -13.21 6.98 41.88
C ASP A 303 -12.27 8.10 42.26
N GLU A 304 -11.19 7.78 42.98
CA GLU A 304 -10.21 8.81 43.33
C GLU A 304 -9.62 9.43 42.07
N PHE A 305 -9.23 8.59 41.12
CA PHE A 305 -8.60 9.09 39.90
C PHE A 305 -9.51 10.08 39.18
N LEU A 306 -10.69 9.62 38.76
CA LEU A 306 -11.62 10.49 38.05
C LEU A 306 -11.97 11.73 38.87
N ALA A 307 -12.05 11.60 40.20
CA ALA A 307 -12.23 12.77 41.04
C ALA A 307 -11.17 13.82 40.74
N ARG A 308 -9.89 13.43 40.87
CA ARG A 308 -8.80 14.35 40.59
C ARG A 308 -8.88 14.86 39.14
N LEU A 309 -9.19 13.97 38.21
CA LEU A 309 -9.24 14.32 36.79
C LEU A 309 -10.25 15.42 36.53
N VAL A 310 -11.44 15.33 37.15
CA VAL A 310 -12.43 16.40 37.00
C VAL A 310 -11.96 17.66 37.70
N GLU A 311 -11.40 17.54 38.90
CA GLU A 311 -10.91 18.73 39.60
C GLU A 311 -9.96 19.52 38.70
N VAL A 312 -8.92 18.86 38.20
CA VAL A 312 -7.91 19.54 37.40
C VAL A 312 -8.49 19.97 36.06
N ALA A 313 -9.34 19.13 35.46
CA ALA A 313 -9.92 19.45 34.16
C ALA A 313 -10.71 20.74 34.22
N ALA A 314 -11.44 20.96 35.32
CA ALA A 314 -12.14 22.23 35.49
C ALA A 314 -11.17 23.41 35.50
N ARG A 315 -9.94 23.21 35.97
CA ARG A 315 -8.96 24.28 36.06
C ARG A 315 -8.39 24.67 34.70
N ILE A 316 -8.82 24.03 33.62
CA ILE A 316 -8.28 24.34 32.30
C ILE A 316 -8.76 25.71 31.84
N THR A 317 -7.84 26.48 31.25
CA THR A 317 -8.16 27.75 30.64
C THR A 317 -8.43 27.58 29.15
N VAL A 318 -9.33 28.40 28.62
CA VAL A 318 -9.65 28.39 27.20
C VAL A 318 -9.96 29.82 26.76
N ALA A 319 -9.22 30.32 25.79
CA ALA A 319 -9.38 31.71 25.36
C ALA A 319 -8.88 31.84 23.92
N GLU A 320 -8.74 33.07 23.46
CA GLU A 320 -8.27 33.33 22.12
C GLU A 320 -6.85 32.81 21.94
N PHE A 321 -6.50 32.53 20.67
CA PHE A 321 -5.18 32.00 20.36
C PHE A 321 -4.07 32.89 20.92
N ASP A 322 -4.36 34.17 21.15
CA ASP A 322 -3.37 35.17 21.54
C ASP A 322 -3.71 35.79 22.89
N ALA A 323 -4.22 34.97 23.81
CA ALA A 323 -4.54 35.48 25.13
C ALA A 323 -3.29 35.96 25.85
N ASP A 324 -3.42 37.06 26.58
CA ASP A 324 -2.31 37.68 27.30
C ASP A 324 -1.49 36.65 28.08
N PRO A 325 -2.08 35.84 29.01
CA PRO A 325 -1.40 34.60 29.40
C PRO A 325 -1.93 33.42 28.59
N GLN A 326 -1.07 32.76 27.83
CA GLN A 326 -1.54 31.73 26.91
C GLN A 326 -2.34 30.67 27.65
N PRO A 327 -3.55 30.37 27.21
CA PRO A 327 -4.35 29.29 27.82
C PRO A 327 -3.81 27.93 27.37
N PHE A 328 -4.41 26.87 27.91
CA PHE A 328 -4.04 25.54 27.47
C PHE A 328 -4.58 25.25 26.08
N MET A 329 -5.86 25.52 25.85
CA MET A 329 -6.46 25.27 24.55
C MET A 329 -7.31 26.46 24.15
N GLY A 330 -7.46 26.63 22.84
CA GLY A 330 -8.22 27.72 22.28
C GLY A 330 -9.61 27.29 21.85
N SER A 331 -10.14 27.99 20.86
CA SER A 331 -11.46 27.68 20.34
C SER A 331 -11.40 26.47 19.42
N VAL A 332 -12.58 25.91 19.15
CA VAL A 332 -12.72 24.90 18.11
C VAL A 332 -12.84 25.62 16.77
N ILE A 333 -12.71 24.88 15.68
CA ILE A 333 -12.54 25.50 14.36
C ILE A 333 -13.65 26.50 14.08
N SER A 334 -14.90 26.13 14.36
CA SER A 334 -16.02 27.00 14.06
C SER A 334 -17.02 26.97 15.22
N ALA A 335 -17.84 28.02 15.28
CA ALA A 335 -18.93 28.03 16.25
C ALA A 335 -19.99 26.99 15.94
N GLU A 336 -20.24 26.73 14.65
CA GLU A 336 -21.30 25.77 14.31
C GLU A 336 -20.90 24.37 14.74
N ALA A 337 -19.66 23.97 14.40
CA ALA A 337 -19.15 22.68 14.86
C ALA A 337 -19.36 22.53 16.36
N ALA A 338 -18.93 23.54 17.12
CA ALA A 338 -19.19 23.53 18.55
C ALA A 338 -20.66 23.27 18.84
N ASN A 339 -21.55 23.92 18.08
CA ASN A 339 -22.98 23.67 18.24
C ASN A 339 -23.28 22.17 18.14
N GLN A 340 -22.70 21.51 17.15
CA GLN A 340 -22.96 20.08 17.00
C GLN A 340 -22.35 19.27 18.14
N LEU A 341 -21.26 19.75 18.75
CA LEU A 341 -20.72 19.07 19.93
C LEU A 341 -21.65 19.18 21.12
N LEU A 342 -22.13 20.40 21.39
CA LEU A 342 -23.12 20.58 22.45
C LEU A 342 -24.32 19.67 22.24
N LYS A 343 -24.84 19.65 21.01
CA LYS A 343 -25.92 18.73 20.69
C LYS A 343 -25.50 17.29 20.92
N ALA A 344 -24.21 16.98 20.76
CA ALA A 344 -23.73 15.62 20.95
C ALA A 344 -23.81 15.21 22.41
N GLN A 345 -23.17 15.97 23.31
CA GLN A 345 -23.24 15.57 24.72
C GLN A 345 -24.66 15.64 25.25
N ALA A 346 -25.49 16.55 24.70
CA ALA A 346 -26.89 16.56 25.08
C ALA A 346 -27.56 15.24 24.70
N ALA A 347 -27.27 14.73 23.51
CA ALA A 347 -27.83 13.44 23.10
C ALA A 347 -27.27 12.30 23.93
N MET A 348 -26.04 12.43 24.44
CA MET A 348 -25.51 11.39 25.32
C MET A 348 -26.20 11.40 26.67
N LEU A 349 -26.35 12.58 27.27
CA LEU A 349 -27.01 12.67 28.56
C LEU A 349 -28.44 12.15 28.46
N GLU A 350 -29.20 12.64 27.48
CA GLU A 350 -30.55 12.10 27.29
C GLU A 350 -30.53 10.64 26.83
N LYS A 351 -29.37 10.13 26.43
CA LYS A 351 -29.22 8.72 26.06
C LYS A 351 -29.08 7.83 27.28
N GLY A 352 -28.80 8.39 28.46
CA GLY A 352 -28.63 7.60 29.66
C GLY A 352 -27.34 7.89 30.40
N ALA A 353 -26.49 8.73 29.82
CA ALA A 353 -25.21 9.05 30.43
C ALA A 353 -25.36 10.16 31.46
N THR A 354 -24.38 10.23 32.37
CA THR A 354 -24.35 11.25 33.41
C THR A 354 -23.17 12.17 33.20
N SER A 355 -23.37 13.45 33.47
CA SER A 355 -22.37 14.48 33.20
C SER A 355 -21.42 14.58 34.38
N LEU A 356 -20.17 14.14 34.18
CA LEU A 356 -19.14 14.38 35.18
C LEU A 356 -18.64 15.82 35.13
N LEU A 357 -18.57 16.42 33.94
CA LEU A 357 -18.12 17.79 33.79
C LEU A 357 -18.80 18.37 32.56
N GLU A 358 -19.54 19.46 32.73
CA GLU A 358 -20.38 19.97 31.65
C GLU A 358 -19.56 20.77 30.65
N MET A 359 -19.71 20.42 29.38
CA MET A 359 -19.15 21.22 28.29
C MET A 359 -20.03 22.45 28.06
N LYS A 360 -19.45 23.63 28.26
CA LYS A 360 -20.19 24.88 28.16
C LYS A 360 -19.57 25.76 27.08
N GLN A 361 -20.42 26.54 26.42
CA GLN A 361 -19.95 27.51 25.44
C GLN A 361 -19.48 28.74 26.18
N LEU A 362 -18.18 29.07 26.04
CA LEU A 362 -17.61 30.11 26.88
C LEU A 362 -17.99 31.51 26.41
N LYS A 363 -18.26 31.68 25.12
CA LYS A 363 -18.69 32.98 24.63
C LYS A 363 -19.79 32.79 23.58
N PRO A 364 -20.65 33.81 23.41
CA PRO A 364 -21.95 33.62 22.74
C PRO A 364 -21.91 32.83 21.44
N ASP A 365 -21.27 33.37 20.41
CA ASP A 365 -21.30 32.72 19.10
C ASP A 365 -19.88 32.42 18.64
N THR A 366 -19.14 31.68 19.47
CA THR A 366 -17.76 31.35 19.20
C THR A 366 -17.58 29.84 19.30
N GLY A 367 -16.34 29.39 19.10
CA GLY A 367 -16.02 27.98 19.21
C GLY A 367 -15.29 27.68 20.51
N LEU A 368 -15.42 28.57 21.48
CA LEU A 368 -14.80 28.36 22.79
C LEU A 368 -15.64 27.37 23.59
N LEU A 369 -15.16 26.14 23.71
CA LEU A 369 -15.82 25.11 24.50
C LEU A 369 -14.99 24.82 25.74
N SER A 370 -15.67 24.61 26.86
CA SER A 370 -15.00 24.17 28.07
C SER A 370 -14.85 22.65 28.04
N PRO A 371 -13.86 22.11 28.75
CA PRO A 371 -13.70 20.65 28.79
C PRO A 371 -15.01 19.98 29.19
N GLY A 372 -15.24 18.80 28.62
CA GLY A 372 -16.43 18.07 28.94
C GLY A 372 -16.14 16.61 29.18
N ILE A 373 -16.61 16.09 30.32
CA ILE A 373 -16.43 14.69 30.68
C ILE A 373 -17.81 14.09 30.91
N VAL A 374 -18.02 12.88 30.40
CA VAL A 374 -19.31 12.20 30.44
C VAL A 374 -19.07 10.73 30.75
N ASP A 375 -19.84 10.20 31.70
CA ASP A 375 -19.82 8.78 32.03
C ASP A 375 -21.01 8.10 31.35
N ALA A 376 -20.73 7.14 30.49
CA ALA A 376 -21.74 6.34 29.82
C ALA A 376 -21.40 4.87 29.98
N THR A 377 -21.18 4.46 31.24
CA THR A 377 -20.67 3.12 31.50
C THR A 377 -21.60 2.05 30.96
N GLY A 378 -22.90 2.17 31.25
CA GLY A 378 -23.85 1.19 30.76
C GLY A 378 -24.50 1.51 29.44
N ILE A 379 -24.38 2.74 28.97
CA ILE A 379 -25.07 3.17 27.77
C ILE A 379 -24.27 2.72 26.53
N GLU A 380 -24.95 2.67 25.39
CA GLU A 380 -24.35 2.29 24.12
C GLU A 380 -24.44 3.48 23.19
N LEU A 381 -23.33 4.19 23.01
CA LEU A 381 -23.29 5.30 22.08
C LEU A 381 -22.75 4.84 20.74
N GLU A 382 -22.80 5.72 19.76
CA GLU A 382 -22.35 5.37 18.43
C GLU A 382 -20.83 5.28 18.39
N ASP A 383 -20.35 4.34 17.58
CA ASP A 383 -18.92 4.25 17.26
C ASP A 383 -18.63 5.33 16.22
N GLN A 384 -18.37 6.54 16.70
CA GLN A 384 -18.23 7.67 15.81
C GLN A 384 -17.07 8.55 16.26
N GLU A 385 -16.34 9.07 15.27
CA GLU A 385 -15.25 10.00 15.47
C GLU A 385 -15.77 11.43 15.59
N PHE A 386 -15.02 12.27 16.30
CA PHE A 386 -15.47 13.63 16.53
C PHE A 386 -14.34 14.43 17.16
N PHE A 387 -14.19 15.67 16.71
CA PHE A 387 -13.25 16.62 17.30
C PHE A 387 -13.94 17.52 18.31
N GLY A 388 -13.26 17.75 19.43
CA GLY A 388 -13.78 18.58 20.49
C GLY A 388 -13.33 18.07 21.85
N PRO A 389 -13.40 18.93 22.87
CA PRO A 389 -12.99 18.56 24.22
C PRO A 389 -14.07 17.80 25.02
N LEU A 390 -14.69 16.81 24.37
CA LEU A 390 -15.73 15.99 24.99
C LEU A 390 -15.21 14.58 25.18
N LEU A 391 -15.00 14.19 26.44
CA LEU A 391 -14.41 12.92 26.79
C LEU A 391 -15.47 12.01 27.42
N THR A 392 -15.74 10.88 26.78
CA THR A 392 -16.62 9.88 27.33
C THR A 392 -15.82 8.89 28.16
N VAL A 393 -16.32 8.57 29.35
CA VAL A 393 -15.66 7.66 30.29
C VAL A 393 -16.45 6.37 30.37
N TYR A 394 -15.73 5.26 30.47
CA TYR A 394 -16.34 3.93 30.60
C TYR A 394 -15.63 3.20 31.75
N ARG A 395 -16.40 2.61 32.65
CA ARG A 395 -15.85 1.92 33.82
C ARG A 395 -15.92 0.41 33.61
N TYR A 396 -14.86 -0.29 34.03
CA TYR A 396 -14.71 -1.71 33.70
C TYR A 396 -14.27 -2.51 34.92
N LYS A 397 -14.60 -3.81 34.88
CA LYS A 397 -14.29 -4.74 35.96
C LYS A 397 -12.93 -5.41 35.73
N GLY A 398 -12.91 -6.55 35.05
CA GLY A 398 -11.65 -7.20 34.75
C GLY A 398 -10.88 -6.48 33.67
N PHE A 399 -9.55 -6.64 33.70
CA PHE A 399 -8.72 -6.01 32.69
C PHE A 399 -9.04 -6.52 31.29
N ASP A 400 -9.27 -7.84 31.15
CA ASP A 400 -9.72 -8.38 29.88
C ASP A 400 -11.05 -7.77 29.44
N GLU A 401 -11.81 -7.18 30.36
CA GLU A 401 -12.99 -6.41 29.98
C GLU A 401 -12.59 -5.04 29.42
N ALA A 402 -11.57 -4.41 30.02
CA ALA A 402 -11.04 -3.18 29.46
C ALA A 402 -10.56 -3.40 28.03
N LEU A 403 -9.79 -4.46 27.80
CA LEU A 403 -9.40 -4.82 26.44
C LEU A 403 -10.63 -5.09 25.57
N GLU A 404 -11.65 -5.74 26.13
CA GLU A 404 -12.89 -5.91 25.37
C GLU A 404 -13.41 -4.57 24.88
N LEU A 405 -13.34 -3.54 25.73
CA LEU A 405 -13.85 -2.22 25.35
C LEU A 405 -12.98 -1.54 24.32
N ALA A 406 -11.65 -1.62 24.49
CA ALA A 406 -10.74 -0.90 23.60
C ALA A 406 -11.04 -1.22 22.13
N ASN A 407 -11.16 -2.51 21.80
CA ASN A 407 -11.48 -2.89 20.43
C ASN A 407 -12.96 -2.69 20.09
N ASN A 408 -13.75 -2.14 21.01
CA ASN A 408 -15.18 -1.91 20.76
C ASN A 408 -15.35 -0.67 19.88
N THR A 409 -14.70 -0.73 18.72
CA THR A 409 -14.71 0.38 17.78
C THR A 409 -14.18 -0.10 16.44
N ARG A 410 -14.81 0.36 15.36
CA ARG A 410 -14.34 0.03 14.02
C ARG A 410 -13.14 0.87 13.62
N TYR A 411 -12.92 2.01 14.28
CA TYR A 411 -11.74 2.83 14.06
C TYR A 411 -10.54 2.19 14.77
N GLY A 412 -9.34 2.53 14.29
CA GLY A 412 -8.15 1.96 14.89
C GLY A 412 -6.92 2.83 14.77
N LEU A 413 -6.98 4.04 15.32
CA LEU A 413 -5.86 4.96 15.20
C LEU A 413 -4.89 4.83 16.37
N SER A 414 -5.25 5.38 17.52
CA SER A 414 -4.37 5.38 18.66
C SER A 414 -5.00 4.65 19.84
N ALA A 415 -4.14 4.26 20.78
CA ALA A 415 -4.54 3.63 22.03
C ALA A 415 -3.31 3.52 22.92
N GLY A 416 -3.55 3.58 24.23
CA GLY A 416 -2.45 3.48 25.18
C GLY A 416 -3.00 3.28 26.58
N ILE A 417 -2.08 2.97 27.49
CA ILE A 417 -2.44 2.69 28.88
C ILE A 417 -1.55 3.51 29.80
N LEU A 418 -2.15 4.04 30.87
CA LEU A 418 -1.41 4.68 31.94
C LEU A 418 -1.38 3.72 33.12
N SER A 419 -0.21 3.13 33.37
CA SER A 419 -0.10 2.13 34.43
C SER A 419 1.35 1.95 34.82
N ASP A 420 1.57 1.48 36.04
CA ASP A 420 2.88 1.13 36.52
C ASP A 420 3.28 -0.29 36.15
N ASP A 421 2.30 -1.13 35.80
CA ASP A 421 2.54 -2.55 35.53
C ASP A 421 2.79 -2.74 34.03
N ARG A 422 4.02 -3.10 33.67
CA ARG A 422 4.35 -3.30 32.27
C ARG A 422 3.51 -4.39 31.62
N LYS A 423 3.09 -5.42 32.38
CA LYS A 423 2.42 -6.55 31.76
C LYS A 423 1.00 -6.20 31.29
N LEU A 424 0.37 -5.21 31.91
CA LEU A 424 -0.88 -4.70 31.35
C LEU A 424 -0.64 -4.11 29.97
N TYR A 425 0.43 -3.33 29.83
CA TYR A 425 0.82 -2.82 28.52
C TYR A 425 1.10 -3.96 27.55
N ASN A 426 1.89 -4.95 27.97
CA ASN A 426 2.19 -6.08 27.09
C ASN A 426 0.91 -6.74 26.59
N ARG A 427 -0.05 -6.95 27.48
CA ARG A 427 -1.28 -7.60 27.05
C ARG A 427 -2.09 -6.69 26.12
N LEU A 428 -1.98 -5.37 26.33
CA LEU A 428 -2.58 -4.41 25.40
C LEU A 428 -1.98 -4.54 24.01
N VAL A 429 -0.66 -4.32 23.89
CA VAL A 429 0.04 -4.46 22.62
C VAL A 429 -0.33 -5.78 21.96
N GLU A 430 -0.36 -6.86 22.74
CA GLU A 430 -0.72 -8.16 22.19
C GLU A 430 -2.10 -8.15 21.58
N GLU A 431 -3.08 -7.53 22.26
CA GLU A 431 -4.47 -7.64 21.84
C GLU A 431 -4.99 -6.45 21.05
N VAL A 432 -4.61 -5.22 21.41
CA VAL A 432 -5.26 -4.06 20.82
C VAL A 432 -4.89 -3.96 19.35
N ARG A 433 -5.85 -3.53 18.53
CA ARG A 433 -5.67 -3.33 17.09
C ARG A 433 -5.77 -1.82 16.82
N ALA A 434 -4.62 -1.13 16.91
CA ALA A 434 -4.55 0.29 16.67
C ALA A 434 -3.17 0.63 16.13
N GLY A 435 -3.09 1.78 15.45
CA GLY A 435 -1.87 2.18 14.79
C GLY A 435 -0.71 2.49 15.71
N ILE A 436 -0.92 3.43 16.63
CA ILE A 436 0.07 3.78 17.63
C ILE A 436 -0.51 3.52 19.01
N VAL A 437 0.31 2.94 19.89
CA VAL A 437 -0.11 2.45 21.20
C VAL A 437 0.94 2.85 22.20
N ASN A 438 0.61 3.80 23.09
CA ASN A 438 1.58 4.34 24.02
C ASN A 438 1.36 3.78 25.43
N TRP A 439 2.43 3.81 26.22
CA TRP A 439 2.41 3.33 27.59
C TRP A 439 3.02 4.39 28.49
N ASN A 440 2.18 4.97 29.35
CA ASN A 440 2.59 5.99 30.33
C ASN A 440 2.97 7.31 29.68
N ARG A 441 2.69 7.47 28.38
CA ARG A 441 2.89 8.74 27.70
C ARG A 441 1.59 9.12 27.00
N PRO A 442 1.32 10.41 26.83
CA PRO A 442 0.05 10.84 26.24
C PRO A 442 -0.15 10.23 24.86
N LEU A 443 -1.43 10.06 24.49
CA LEU A 443 -1.73 9.56 23.16
C LEU A 443 -1.30 10.56 22.09
N THR A 444 -1.42 11.85 22.39
CA THR A 444 -0.89 12.88 21.52
C THR A 444 0.63 12.80 21.49
N GLY A 445 1.25 13.68 20.73
CA GLY A 445 2.69 13.71 20.62
C GLY A 445 3.27 12.46 19.98
N ALA A 446 2.82 12.16 18.76
CA ALA A 446 3.37 11.03 18.02
C ALA A 446 4.83 11.30 17.68
N SER A 447 5.48 10.28 17.11
CA SER A 447 6.87 10.39 16.70
C SER A 447 6.93 10.33 15.18
N SER A 448 7.34 11.43 14.55
CA SER A 448 7.55 11.43 13.12
C SER A 448 8.63 10.46 12.69
N ALA A 449 9.43 9.96 13.63
CA ALA A 449 10.52 9.03 13.35
C ALA A 449 10.05 7.60 13.17
N ALA A 450 8.80 7.31 13.49
CA ALA A 450 8.22 5.98 13.31
C ALA A 450 6.91 6.12 12.55
N PRO A 451 6.45 5.03 11.92
CA PRO A 451 5.25 5.13 11.07
C PRO A 451 4.06 5.69 11.82
N PHE A 452 2.99 5.98 11.07
CA PHE A 452 1.78 6.57 11.64
C PHE A 452 0.59 6.23 10.76
N GLY A 453 0.03 5.03 10.96
CA GLY A 453 -1.06 4.57 10.12
C GLY A 453 -2.15 3.86 10.90
N GLY A 454 -3.37 4.39 10.82
CA GLY A 454 -4.48 3.78 11.52
C GLY A 454 -5.02 2.56 10.78
N VAL A 455 -5.56 1.64 11.55
CA VAL A 455 -6.17 0.43 11.01
C VAL A 455 -7.67 0.57 11.09
N GLY A 456 -8.37 -0.37 10.46
CA GLY A 456 -9.82 -0.25 10.40
C GLY A 456 -10.21 0.96 9.59
N ALA A 457 -11.14 1.75 10.13
CA ALA A 457 -11.65 2.94 9.46
C ALA A 457 -10.73 4.15 9.64
N SER A 458 -9.47 3.93 10.01
CA SER A 458 -8.50 5.00 10.16
C SER A 458 -7.44 4.98 9.07
N GLY A 459 -7.66 4.24 8.00
CA GLY A 459 -6.70 4.22 6.92
C GLY A 459 -6.88 3.01 6.04
N ASN A 460 -6.19 3.05 4.89
CA ASN A 460 -6.18 1.96 3.93
C ASN A 460 -4.81 1.29 3.84
N HIS A 461 -4.01 1.38 4.91
CA HIS A 461 -2.73 0.67 5.01
C HIS A 461 -1.65 1.33 4.14
N ARG A 462 -1.70 2.65 4.07
CA ARG A 462 -0.65 3.48 3.50
C ARG A 462 -0.25 4.48 4.59
N PRO A 463 0.32 3.98 5.69
CA PRO A 463 0.61 4.87 6.83
C PRO A 463 1.58 5.97 6.43
N SER A 464 1.35 7.16 6.99
CA SER A 464 2.18 8.32 6.69
C SER A 464 3.30 8.50 7.71
N ALA A 465 3.57 9.74 8.09
CA ALA A 465 4.72 10.02 8.93
C ALA A 465 5.95 9.35 8.33
N TYR A 466 6.59 8.47 9.10
CA TYR A 466 7.85 7.90 8.62
C TYR A 466 7.63 7.09 7.34
N TYR A 467 6.68 6.16 7.36
CA TYR A 467 6.34 5.36 6.18
C TYR A 467 5.70 6.16 5.05
N ALA A 468 5.59 7.49 5.16
CA ALA A 468 5.16 8.27 4.01
C ALA A 468 5.96 7.91 2.76
N ALA A 469 7.27 7.76 2.91
CA ALA A 469 8.14 7.45 1.78
C ALA A 469 7.66 6.27 0.96
N ASP A 470 6.86 5.37 1.55
CA ASP A 470 6.43 4.19 0.82
C ASP A 470 5.44 4.54 -0.30
N TYR A 471 4.52 5.46 -0.05
CA TYR A 471 3.51 5.81 -1.03
C TYR A 471 3.88 7.03 -1.85
N CYS A 472 5.09 7.55 -1.66
CA CYS A 472 5.62 8.60 -2.51
C CYS A 472 6.50 8.06 -3.62
N ALA A 473 6.95 6.82 -3.52
CA ALA A 473 7.81 6.21 -4.52
C ALA A 473 7.44 4.74 -4.71
N TRP A 474 7.47 4.29 -5.97
CA TRP A 474 7.31 2.89 -6.32
C TRP A 474 8.64 2.28 -6.78
N PRO A 475 8.81 0.97 -6.63
CA PRO A 475 10.13 0.36 -6.85
C PRO A 475 10.35 -0.16 -8.25
N MET A 476 11.57 0.05 -8.74
CA MET A 476 12.04 -0.49 -10.00
C MET A 476 13.30 -1.31 -9.75
N ALA A 477 13.22 -2.61 -10.00
CA ALA A 477 14.33 -3.54 -9.80
C ALA A 477 14.76 -4.12 -11.14
N SER A 478 16.07 -4.19 -11.34
CA SER A 478 16.66 -4.52 -12.63
C SER A 478 17.76 -5.56 -12.47
N LEU A 479 17.84 -6.47 -13.44
CA LEU A 479 18.94 -7.44 -13.55
C LEU A 479 19.86 -7.00 -14.68
N GLU A 480 20.93 -6.31 -14.32
CA GLU A 480 21.92 -5.83 -15.28
C GLU A 480 22.95 -6.91 -15.56
N ALA A 481 23.51 -6.86 -16.76
CA ALA A 481 24.49 -7.85 -17.19
C ALA A 481 25.75 -7.17 -17.70
N GLY A 482 25.62 -6.37 -18.76
CA GLY A 482 26.74 -5.71 -19.42
C GLY A 482 26.92 -6.12 -20.86
N LYS A 483 26.62 -7.37 -21.18
CA LYS A 483 26.70 -7.88 -22.54
C LYS A 483 25.75 -9.05 -22.71
N SER A 484 24.83 -8.94 -23.68
CA SER A 484 23.92 -10.04 -23.97
C SER A 484 24.69 -11.16 -24.67
N GLU A 485 24.90 -12.26 -23.96
CA GLU A 485 25.71 -13.36 -24.47
C GLU A 485 25.25 -14.66 -23.84
N LEU A 486 25.49 -15.76 -24.54
CA LEU A 486 24.89 -17.02 -24.15
C LEU A 486 25.41 -17.49 -22.79
N PRO A 487 24.60 -18.23 -22.05
CA PRO A 487 25.08 -18.82 -20.80
C PRO A 487 26.02 -19.98 -21.07
N ASP A 488 26.71 -20.40 -20.02
CA ASP A 488 27.62 -21.52 -20.13
C ASP A 488 26.85 -22.78 -20.53
N SER A 489 25.78 -23.08 -19.81
CA SER A 489 24.92 -24.23 -20.08
C SER A 489 23.61 -23.75 -20.68
N LEU A 490 23.34 -24.16 -21.91
CA LEU A 490 22.12 -23.75 -22.59
C LEU A 490 20.91 -24.48 -22.02
N ALA A 491 19.73 -23.98 -22.36
CA ALA A 491 18.50 -24.68 -22.05
C ALA A 491 18.23 -25.73 -23.13
N PRO A 492 17.48 -26.78 -22.80
CA PRO A 492 17.25 -27.86 -23.78
C PRO A 492 16.33 -27.41 -24.91
N GLY A 493 16.73 -27.69 -26.13
CA GLY A 493 15.96 -27.33 -27.30
C GLY A 493 16.37 -26.05 -27.99
N LEU A 494 17.60 -25.59 -27.79
CA LEU A 494 18.08 -24.33 -28.37
C LEU A 494 19.33 -24.63 -29.18
N ASN A 495 19.25 -24.46 -30.49
CA ASN A 495 20.36 -24.76 -31.40
C ASN A 495 20.94 -23.48 -31.98
N PHE A 496 22.27 -23.47 -32.13
CA PHE A 496 22.96 -22.33 -32.73
C PHE A 496 23.94 -22.81 -33.80
N LEU B 10 -3.12 -37.04 -2.88
CA LEU B 10 -3.75 -37.17 -4.18
C LEU B 10 -5.14 -37.79 -4.07
N THR B 11 -6.11 -36.98 -3.62
CA THR B 11 -7.47 -37.45 -3.35
C THR B 11 -8.57 -36.57 -3.92
N GLY B 12 -8.35 -35.27 -4.13
CA GLY B 12 -9.41 -34.40 -4.62
C GLY B 12 -10.27 -33.77 -3.54
N ASN B 13 -9.85 -33.82 -2.28
CA ASN B 13 -10.64 -33.28 -1.18
C ASN B 13 -10.44 -31.77 -1.03
N VAL B 14 -11.13 -31.25 -0.03
CA VAL B 14 -10.92 -29.91 0.50
C VAL B 14 -10.22 -30.06 1.84
N TYR B 15 -9.76 -28.94 2.39
CA TYR B 15 -9.01 -28.93 3.64
C TYR B 15 -9.50 -27.77 4.49
N ILE B 16 -9.98 -28.06 5.70
CA ILE B 16 -10.43 -27.00 6.61
C ILE B 16 -10.19 -27.42 8.05
N ASP B 17 -9.59 -26.51 8.83
CA ASP B 17 -9.35 -26.73 10.25
C ASP B 17 -8.58 -28.04 10.50
N GLY B 18 -7.73 -28.41 9.55
CA GLY B 18 -6.91 -29.60 9.70
C GLY B 18 -7.54 -30.88 9.20
N LEU B 19 -8.74 -30.81 8.64
CA LEU B 19 -9.50 -31.99 8.25
C LEU B 19 -9.76 -31.96 6.75
N TRP B 20 -9.57 -33.12 6.11
CA TRP B 20 -9.85 -33.28 4.69
C TRP B 20 -11.30 -33.69 4.50
N LEU B 21 -12.01 -33.01 3.60
CA LEU B 21 -13.44 -33.24 3.43
C LEU B 21 -13.87 -32.96 2.00
N PRO B 22 -14.66 -33.84 1.39
CA PRO B 22 -15.19 -33.55 0.05
C PRO B 22 -15.96 -32.24 0.04
N GLY B 23 -15.81 -31.49 -1.05
CA GLY B 23 -16.54 -30.25 -1.19
C GLY B 23 -18.02 -30.50 -1.40
N HIS B 24 -18.82 -29.52 -0.99
CA HIS B 24 -20.26 -29.58 -1.22
C HIS B 24 -20.67 -28.99 -2.55
N GLY B 25 -19.74 -28.40 -3.30
CA GLY B 25 -20.05 -27.82 -4.59
C GLY B 25 -20.05 -28.86 -5.69
N ALA B 26 -20.32 -28.38 -6.90
CA ALA B 26 -20.39 -29.28 -8.05
C ALA B 26 -18.99 -29.81 -8.38
N PRO B 27 -18.87 -31.06 -8.79
CA PRO B 27 -17.55 -31.62 -9.10
C PRO B 27 -16.97 -31.00 -10.36
N PHE B 28 -15.65 -30.88 -10.36
CA PHE B 28 -14.90 -30.53 -11.56
C PHE B 28 -13.64 -31.38 -11.62
N GLU B 29 -12.92 -31.26 -12.73
CA GLU B 29 -11.74 -32.06 -12.98
C GLU B 29 -10.68 -31.23 -13.68
N SER B 30 -9.43 -31.57 -13.43
CA SER B 30 -8.28 -30.95 -14.08
C SER B 30 -7.74 -31.93 -15.12
N VAL B 31 -7.77 -31.52 -16.39
CA VAL B 31 -7.34 -32.36 -17.50
C VAL B 31 -5.93 -31.97 -17.88
N GLN B 32 -5.14 -32.96 -18.29
CA GLN B 32 -3.79 -32.67 -18.73
C GLN B 32 -3.84 -32.01 -20.11
N PRO B 33 -3.06 -30.95 -20.33
CA PRO B 33 -3.25 -30.14 -21.55
C PRO B 33 -2.98 -30.87 -22.85
N VAL B 34 -2.24 -31.98 -22.86
CA VAL B 34 -1.91 -32.68 -24.09
C VAL B 34 -2.56 -34.07 -24.16
N THR B 35 -2.48 -34.84 -23.07
CA THR B 35 -3.10 -36.17 -23.09
C THR B 35 -4.62 -36.07 -23.14
N GLY B 36 -5.20 -35.04 -22.54
CA GLY B 36 -6.64 -34.90 -22.46
C GLY B 36 -7.31 -35.69 -21.36
N GLU B 37 -6.69 -36.77 -20.88
CA GLU B 37 -7.30 -37.58 -19.84
C GLU B 37 -7.41 -36.78 -18.55
N THR B 38 -8.23 -37.28 -17.63
CA THR B 38 -8.43 -36.61 -16.36
C THR B 38 -7.22 -36.79 -15.45
N VAL B 39 -6.72 -35.69 -14.91
CA VAL B 39 -5.64 -35.71 -13.95
C VAL B 39 -6.11 -35.42 -12.54
N TRP B 40 -7.26 -34.78 -12.37
CA TRP B 40 -7.75 -34.47 -11.04
C TRP B 40 -9.27 -34.51 -11.07
N ASP B 41 -9.88 -35.01 -10.01
CA ASP B 41 -11.33 -34.97 -9.84
C ASP B 41 -11.63 -34.55 -8.42
N GLY B 42 -12.61 -33.67 -8.26
CA GLY B 42 -12.92 -33.21 -6.91
C GLY B 42 -14.18 -32.39 -6.89
N ASN B 43 -14.62 -32.08 -5.67
CA ASN B 43 -15.78 -31.23 -5.45
C ASN B 43 -15.32 -29.81 -5.17
N ALA B 44 -15.95 -28.84 -5.85
CA ALA B 44 -15.67 -27.44 -5.59
C ALA B 44 -16.28 -27.00 -4.27
N ALA B 45 -15.63 -26.04 -3.62
CA ALA B 45 -16.15 -25.50 -2.38
C ALA B 45 -17.41 -24.68 -2.63
N SER B 46 -18.42 -24.89 -1.79
CA SER B 46 -19.67 -24.15 -1.89
C SER B 46 -19.63 -22.93 -0.96
N LEU B 47 -20.76 -22.21 -0.88
CA LEU B 47 -20.81 -21.01 -0.07
C LEU B 47 -20.46 -21.30 1.38
N GLU B 48 -21.26 -22.17 2.03
CA GLU B 48 -21.04 -22.50 3.42
C GLU B 48 -19.68 -23.15 3.64
N ASP B 49 -19.17 -23.88 2.63
CA ASP B 49 -17.81 -24.39 2.70
C ASP B 49 -16.82 -23.24 2.90
N VAL B 50 -16.98 -22.18 2.11
CA VAL B 50 -16.09 -21.04 2.21
C VAL B 50 -16.26 -20.35 3.56
N ASP B 51 -17.52 -20.12 3.98
CA ASP B 51 -17.76 -19.60 5.32
C ASP B 51 -17.03 -20.41 6.37
N ALA B 52 -16.97 -21.74 6.18
CA ALA B 52 -16.24 -22.58 7.11
C ALA B 52 -14.74 -22.29 7.07
N ALA B 53 -14.16 -22.31 5.88
CA ALA B 53 -12.73 -22.02 5.77
C ALA B 53 -12.37 -20.70 6.44
N VAL B 54 -13.16 -19.66 6.19
CA VAL B 54 -12.84 -18.34 6.73
C VAL B 54 -13.03 -18.34 8.25
N ARG B 55 -14.15 -18.88 8.73
CA ARG B 55 -14.39 -18.92 10.18
C ARG B 55 -13.27 -19.65 10.90
N GLU B 56 -12.78 -20.74 10.33
CA GLU B 56 -11.74 -21.53 10.99
C GLU B 56 -10.36 -20.89 10.88
N ALA B 57 -10.05 -20.21 9.77
CA ALA B 57 -8.80 -19.45 9.70
C ALA B 57 -8.83 -18.29 10.70
N ARG B 58 -10.00 -17.67 10.86
CA ARG B 58 -10.16 -16.61 11.85
C ARG B 58 -9.92 -17.15 13.26
N LYS B 59 -10.56 -18.29 13.59
CA LYS B 59 -10.32 -18.92 14.88
C LYS B 59 -8.84 -19.23 15.08
N ALA B 60 -8.21 -19.87 14.10
CA ALA B 60 -6.81 -20.27 14.23
C ALA B 60 -5.89 -19.06 14.35
N PHE B 61 -6.31 -17.92 13.82
CA PHE B 61 -5.48 -16.72 13.87
C PHE B 61 -5.12 -16.37 15.32
N LEU B 62 -6.13 -16.28 16.19
CA LEU B 62 -5.89 -15.88 17.58
C LEU B 62 -4.72 -16.65 18.19
N ALA B 63 -4.63 -17.95 17.94
CA ALA B 63 -3.56 -18.74 18.50
C ALA B 63 -2.28 -18.66 17.69
N TRP B 64 -2.42 -18.49 16.37
CA TRP B 64 -1.27 -18.45 15.48
C TRP B 64 -0.54 -17.11 15.55
N ARG B 65 -1.30 -16.01 15.62
CA ARG B 65 -0.68 -14.70 15.78
C ARG B 65 0.12 -14.62 17.07
N ARG B 66 -0.21 -15.45 18.05
CA ARG B 66 0.46 -15.43 19.33
C ARG B 66 1.75 -16.24 19.33
N LYS B 67 1.90 -17.21 18.42
CA LYS B 67 3.17 -17.90 18.29
C LYS B 67 4.26 -16.88 18.05
N SER B 68 5.46 -17.15 18.57
CA SER B 68 6.55 -16.23 18.33
C SER B 68 6.92 -16.23 16.86
N LEU B 69 7.69 -15.22 16.46
CA LEU B 69 8.23 -15.24 15.10
C LEU B 69 9.12 -16.46 14.91
N ALA B 70 9.88 -16.81 15.94
CA ALA B 70 10.78 -17.96 15.83
C ALA B 70 10.02 -19.23 15.51
N GLU B 71 8.91 -19.47 16.23
CA GLU B 71 8.14 -20.69 16.03
C GLU B 71 7.55 -20.76 14.63
N ARG B 72 6.90 -19.67 14.20
CA ARG B 72 6.35 -19.63 12.85
C ARG B 72 7.43 -19.89 11.81
N GLN B 73 8.60 -19.26 11.97
CA GLN B 73 9.73 -19.53 11.09
C GLN B 73 10.13 -21.00 11.12
N ALA B 74 10.06 -21.62 12.29
CA ALA B 74 10.46 -23.02 12.40
C ALA B 74 9.51 -23.93 11.62
N VAL B 75 8.20 -23.70 11.73
CA VAL B 75 7.24 -24.48 10.96
C VAL B 75 7.47 -24.26 9.47
N ILE B 76 7.59 -23.00 9.04
CA ILE B 76 7.77 -22.72 7.62
C ILE B 76 9.04 -23.40 7.10
N GLU B 77 10.13 -23.30 7.85
CA GLU B 77 11.38 -23.93 7.45
C GLU B 77 11.21 -25.45 7.33
N ALA B 78 10.53 -26.06 8.30
CA ALA B 78 10.20 -27.48 8.17
C ALA B 78 9.49 -27.74 6.84
N PHE B 79 8.55 -26.86 6.48
CA PHE B 79 7.92 -26.92 5.17
C PHE B 79 8.96 -26.92 4.05
N GLY B 80 10.00 -26.10 4.19
CA GLY B 80 11.06 -26.10 3.18
C GLY B 80 11.80 -27.43 3.11
N GLU B 81 12.18 -27.98 4.26
CA GLU B 81 12.79 -29.31 4.28
C GLU B 81 11.91 -30.33 3.55
N LEU B 82 10.60 -30.26 3.78
CA LEU B 82 9.71 -31.17 3.08
C LEU B 82 9.68 -30.88 1.59
N LEU B 83 9.88 -29.62 1.20
CA LEU B 83 9.98 -29.28 -0.22
C LEU B 83 11.18 -29.98 -0.84
N GLU B 84 12.36 -29.86 -0.22
CA GLU B 84 13.53 -30.57 -0.71
C GLU B 84 13.28 -32.07 -0.78
N ALA B 85 12.63 -32.63 0.26
CA ALA B 85 12.45 -34.07 0.33
C ALA B 85 11.58 -34.59 -0.79
N ASN B 86 10.64 -33.78 -1.28
CA ASN B 86 9.70 -34.20 -2.31
C ASN B 86 9.86 -33.39 -3.60
N LYS B 87 11.05 -32.84 -3.83
CA LYS B 87 11.25 -31.93 -4.96
C LYS B 87 10.75 -32.56 -6.26
N GLU B 88 11.11 -33.82 -6.50
CA GLU B 88 10.81 -34.45 -7.78
C GLU B 88 9.31 -34.73 -7.93
N GLU B 89 8.66 -35.18 -6.85
CA GLU B 89 7.22 -35.48 -6.96
C GLU B 89 6.40 -34.21 -7.19
N LEU B 90 6.75 -33.12 -6.52
CA LEU B 90 6.03 -31.86 -6.74
C LEU B 90 6.31 -31.30 -8.12
N ALA B 91 7.58 -31.35 -8.55
CA ALA B 91 7.90 -30.96 -9.93
C ALA B 91 7.04 -31.74 -10.92
N HIS B 92 6.99 -33.07 -10.75
CA HIS B 92 6.21 -33.90 -11.67
C HIS B 92 4.73 -33.57 -11.62
N GLN B 93 4.22 -33.19 -10.44
CA GLN B 93 2.82 -32.79 -10.36
C GLN B 93 2.58 -31.51 -11.15
N ILE B 94 3.43 -30.50 -10.96
CA ILE B 94 3.28 -29.25 -11.71
C ILE B 94 3.33 -29.52 -13.21
N GLY B 95 4.46 -30.06 -13.68
CA GLY B 95 4.60 -30.33 -15.09
C GLY B 95 3.46 -31.15 -15.64
N LEU B 96 3.03 -32.17 -14.90
CA LEU B 96 1.93 -33.00 -15.36
C LEU B 96 0.67 -32.17 -15.56
N GLU B 97 0.31 -31.34 -14.59
CA GLU B 97 -1.00 -30.71 -14.62
C GLU B 97 -1.03 -29.43 -15.46
N THR B 98 0.12 -28.81 -15.71
CA THR B 98 0.17 -27.57 -16.49
C THR B 98 0.66 -27.75 -17.91
N GLY B 99 1.44 -28.80 -18.18
CA GLY B 99 2.12 -28.95 -19.44
C GLY B 99 3.53 -28.41 -19.45
N LYS B 100 3.96 -27.75 -18.39
CA LYS B 100 5.32 -27.25 -18.30
C LYS B 100 6.31 -28.41 -18.28
N PRO B 101 7.42 -28.31 -19.00
CA PRO B 101 8.42 -29.38 -18.97
C PRO B 101 8.94 -29.60 -17.56
N LEU B 102 9.45 -30.83 -17.32
CA LEU B 102 10.00 -31.16 -16.01
C LEU B 102 11.09 -30.17 -15.60
N TRP B 103 12.05 -29.94 -16.50
CA TRP B 103 13.21 -29.14 -16.16
C TRP B 103 12.82 -27.75 -15.68
N GLU B 104 11.65 -27.27 -16.10
CA GLU B 104 11.14 -25.97 -15.69
C GLU B 104 10.31 -26.06 -14.41
N SER B 105 9.52 -27.13 -14.26
CA SER B 105 8.77 -27.34 -13.03
C SER B 105 9.70 -27.43 -11.84
N ARG B 106 10.76 -28.23 -11.95
CA ARG B 106 11.77 -28.26 -10.90
C ARG B 106 12.32 -26.87 -10.59
N THR B 107 12.42 -26.02 -11.60
CA THR B 107 12.80 -24.63 -11.35
C THR B 107 11.78 -23.94 -10.46
N GLU B 108 10.50 -24.14 -10.76
CA GLU B 108 9.46 -23.55 -9.91
C GLU B 108 9.57 -24.06 -8.48
N VAL B 109 9.90 -25.35 -8.30
CA VAL B 109 10.03 -25.89 -6.95
C VAL B 109 11.18 -25.21 -6.23
N ALA B 110 12.38 -25.25 -6.82
CA ALA B 110 13.53 -24.59 -6.19
C ALA B 110 13.22 -23.14 -5.87
N ALA B 111 12.37 -22.50 -6.69
CA ALA B 111 11.94 -21.14 -6.40
C ALA B 111 11.06 -21.09 -5.15
N MET B 112 10.15 -22.06 -5.01
CA MET B 112 9.36 -22.14 -3.78
C MET B 112 10.26 -22.26 -2.56
N MET B 113 11.26 -23.14 -2.64
CA MET B 113 12.20 -23.30 -1.54
C MET B 113 12.91 -21.98 -1.24
N GLY B 114 13.40 -21.30 -2.28
CA GLY B 114 14.12 -20.07 -2.07
C GLY B 114 13.26 -18.95 -1.50
N LYS B 115 11.96 -18.99 -1.75
CA LYS B 115 11.07 -17.94 -1.25
C LYS B 115 11.07 -17.84 0.27
N ILE B 116 11.68 -18.79 0.98
CA ILE B 116 11.54 -18.87 2.43
C ILE B 116 12.57 -17.99 3.13
N PRO B 117 13.86 -18.33 3.08
CA PRO B 117 14.85 -17.49 3.79
C PRO B 117 14.78 -16.02 3.39
N ILE B 118 14.52 -15.75 2.11
CA ILE B 118 14.41 -14.37 1.65
C ILE B 118 13.19 -13.70 2.26
N SER B 119 12.06 -14.42 2.35
CA SER B 119 10.90 -13.88 3.06
C SER B 119 11.25 -13.58 4.51
N VAL B 120 12.16 -14.37 5.10
CA VAL B 120 12.57 -14.12 6.48
C VAL B 120 13.31 -12.78 6.57
N LYS B 121 14.39 -12.64 5.78
CA LYS B 121 15.13 -11.38 5.80
C LYS B 121 14.23 -10.20 5.51
N ALA B 122 13.32 -10.35 4.54
CA ALA B 122 12.38 -9.29 4.21
C ALA B 122 11.52 -8.93 5.41
N TYR B 123 11.03 -9.94 6.15
CA TYR B 123 10.26 -9.63 7.33
C TYR B 123 11.08 -8.82 8.32
N ASN B 124 12.35 -9.19 8.51
CA ASN B 124 13.14 -8.52 9.54
C ASN B 124 13.51 -7.10 9.16
N GLU B 125 13.60 -6.80 7.86
CA GLU B 125 13.94 -5.44 7.45
C GLU B 125 12.69 -4.56 7.26
N ARG B 126 11.75 -5.02 6.44
CA ARG B 126 10.56 -4.24 6.11
C ARG B 126 9.60 -4.15 7.30
N THR B 127 9.54 -5.17 8.14
CA THR B 127 8.58 -5.23 9.22
C THR B 127 9.20 -5.93 10.43
N GLY B 128 10.35 -5.43 10.88
CA GLY B 128 11.04 -6.00 12.01
C GLY B 128 10.63 -5.39 13.33
N HIS B 129 11.52 -5.53 14.32
CA HIS B 129 11.31 -4.99 15.66
C HIS B 129 12.46 -4.03 15.93
N THR B 130 12.12 -2.76 16.15
CA THR B 130 13.15 -1.75 16.36
C THR B 130 12.85 -1.00 17.64
N GLU B 131 13.91 -0.54 18.30
CA GLU B 131 13.77 0.13 19.57
C GLU B 131 14.75 1.30 19.60
N SER B 132 14.28 2.45 20.08
CA SER B 132 15.09 3.65 20.02
C SER B 132 14.65 4.63 21.09
N ASP B 133 15.57 5.47 21.53
CA ASP B 133 15.25 6.58 22.42
C ASP B 133 15.00 7.83 21.58
N VAL B 134 13.85 8.46 21.77
CA VAL B 134 13.46 9.64 21.00
C VAL B 134 12.91 10.70 21.96
N ALA B 135 12.61 11.87 21.38
CA ALA B 135 12.24 13.04 22.18
C ALA B 135 11.03 12.75 23.06
N GLY B 136 10.00 12.15 22.49
CA GLY B 136 8.78 11.86 23.22
C GLY B 136 8.85 10.66 24.13
N GLY B 137 10.06 10.18 24.44
CA GLY B 137 10.23 9.05 25.34
C GLY B 137 10.95 7.90 24.66
N HIS B 138 10.70 6.70 25.15
CA HIS B 138 11.34 5.50 24.58
C HIS B 138 10.43 4.90 23.53
N ALA B 139 10.76 5.12 22.26
CA ALA B 139 9.93 4.66 21.16
C ALA B 139 10.30 3.24 20.77
N VAL B 140 9.29 2.44 20.48
CA VAL B 140 9.46 1.06 20.06
C VAL B 140 8.51 0.79 18.89
N LEU B 141 8.95 -0.02 17.93
CA LEU B 141 8.17 -0.34 16.75
C LEU B 141 8.14 -1.84 16.52
N ARG B 142 6.93 -2.39 16.38
CA ARG B 142 6.73 -3.79 16.05
C ARG B 142 5.66 -3.88 14.96
N HIS B 143 5.57 -5.04 14.31
CA HIS B 143 4.66 -5.23 13.18
C HIS B 143 3.71 -6.40 13.45
N ARG B 144 2.41 -6.15 13.24
CA ARG B 144 1.30 -7.05 13.51
C ARG B 144 0.70 -7.63 12.23
N PRO B 145 0.23 -8.87 12.28
CA PRO B 145 -0.42 -9.47 11.10
C PRO B 145 -1.83 -8.92 10.93
N HIS B 146 -2.37 -9.14 9.73
CA HIS B 146 -3.70 -8.62 9.42
C HIS B 146 -4.80 -9.56 9.91
N GLY B 147 -4.67 -10.85 9.64
CA GLY B 147 -5.70 -11.80 10.02
C GLY B 147 -5.92 -12.88 8.98
N VAL B 148 -7.13 -12.98 8.45
CA VAL B 148 -7.46 -13.97 7.43
C VAL B 148 -7.24 -13.35 6.06
N VAL B 149 -6.30 -13.89 5.30
CA VAL B 149 -5.98 -13.40 3.97
C VAL B 149 -6.34 -14.49 2.97
N ALA B 150 -7.22 -14.16 2.02
CA ALA B 150 -7.57 -15.07 0.94
C ALA B 150 -6.55 -14.91 -0.18
N VAL B 151 -5.91 -16.02 -0.57
CA VAL B 151 -4.85 -16.02 -1.56
C VAL B 151 -5.37 -16.71 -2.81
N PHE B 152 -5.36 -15.99 -3.93
CA PHE B 152 -5.76 -16.59 -5.20
C PHE B 152 -4.54 -16.93 -6.04
N GLY B 153 -4.54 -18.11 -6.64
CA GLY B 153 -3.40 -18.60 -7.38
C GLY B 153 -3.69 -18.69 -8.87
N PRO B 154 -2.70 -18.31 -9.68
CA PRO B 154 -2.84 -18.46 -11.14
C PRO B 154 -2.69 -19.92 -11.57
N TYR B 155 -2.44 -20.16 -12.86
CA TYR B 155 -2.18 -21.50 -13.35
C TYR B 155 -0.80 -21.67 -13.95
N ASN B 156 -0.13 -20.59 -14.34
CA ASN B 156 1.20 -20.70 -14.91
C ASN B 156 2.22 -21.14 -13.88
N PHE B 157 2.16 -20.58 -12.68
CA PHE B 157 3.00 -20.98 -11.54
C PHE B 157 2.12 -21.30 -10.35
N PRO B 158 1.45 -22.46 -10.36
CA PRO B 158 0.58 -22.83 -9.23
C PRO B 158 1.34 -23.15 -7.96
N GLY B 159 2.67 -23.11 -7.98
CA GLY B 159 3.46 -23.35 -6.79
C GLY B 159 4.23 -22.13 -6.34
N HIS B 160 4.98 -21.52 -7.25
CA HIS B 160 5.85 -20.40 -6.88
C HIS B 160 5.05 -19.20 -6.40
N LEU B 161 4.07 -18.77 -7.20
CA LEU B 161 3.38 -17.51 -6.89
C LEU B 161 2.51 -17.64 -5.65
N PRO B 162 1.53 -18.55 -5.60
CA PRO B 162 0.77 -18.73 -4.36
C PRO B 162 1.68 -18.87 -3.15
N ASN B 163 2.77 -19.61 -3.27
CA ASN B 163 3.73 -19.70 -2.18
C ASN B 163 4.28 -18.32 -1.83
N GLY B 164 4.65 -17.54 -2.85
CA GLY B 164 5.14 -16.18 -2.65
C GLY B 164 4.18 -15.29 -1.92
N HIS B 165 2.89 -15.61 -1.94
CA HIS B 165 1.97 -14.92 -1.02
C HIS B 165 1.90 -15.62 0.34
N ILE B 166 1.97 -16.95 0.36
CA ILE B 166 1.62 -17.72 1.55
C ILE B 166 2.71 -17.60 2.61
N VAL B 167 3.97 -17.79 2.21
CA VAL B 167 5.08 -17.75 3.16
C VAL B 167 5.10 -16.41 3.88
N PRO B 168 5.26 -15.29 3.17
CA PRO B 168 5.32 -13.99 3.87
C PRO B 168 4.13 -13.74 4.78
N ALA B 169 2.94 -14.20 4.38
CA ALA B 169 1.75 -13.94 5.18
C ALA B 169 1.75 -14.78 6.44
N LEU B 170 1.90 -16.10 6.29
CA LEU B 170 1.95 -16.99 7.46
C LEU B 170 3.03 -16.55 8.43
N LEU B 171 4.24 -16.32 7.92
CA LEU B 171 5.37 -15.94 8.77
C LEU B 171 5.00 -14.77 9.68
N ALA B 172 4.37 -13.74 9.12
CA ALA B 172 4.02 -12.52 9.84
C ALA B 172 2.84 -12.69 10.80
N GLY B 173 2.30 -13.91 10.97
CA GLY B 173 1.20 -14.13 11.88
C GLY B 173 -0.17 -14.20 11.24
N ASN B 174 -0.26 -14.23 9.92
CA ASN B 174 -1.53 -14.31 9.21
C ASN B 174 -1.98 -15.76 9.09
N THR B 175 -3.28 -15.94 8.87
CA THR B 175 -3.83 -17.23 8.50
C THR B 175 -4.41 -17.13 7.09
N VAL B 176 -4.40 -18.25 6.38
CA VAL B 176 -4.57 -18.24 4.93
C VAL B 176 -5.77 -19.09 4.54
N VAL B 177 -6.58 -18.58 3.62
CA VAL B 177 -7.61 -19.36 2.93
C VAL B 177 -7.22 -19.37 1.45
N PHE B 178 -6.56 -20.44 1.03
CA PHE B 178 -5.99 -20.54 -0.31
C PHE B 178 -7.01 -21.08 -1.29
N LYS B 179 -7.28 -20.35 -2.36
CA LYS B 179 -8.14 -20.79 -3.46
C LYS B 179 -7.34 -20.84 -4.75
N PRO B 180 -6.89 -22.02 -5.18
CA PRO B 180 -6.09 -22.11 -6.41
C PRO B 180 -6.97 -22.05 -7.65
N SER B 181 -6.31 -21.93 -8.80
CA SER B 181 -6.99 -21.94 -10.08
C SER B 181 -7.68 -23.27 -10.31
N GLU B 182 -8.84 -23.25 -10.95
CA GLU B 182 -9.50 -24.50 -11.28
C GLU B 182 -8.80 -25.27 -12.39
N LEU B 183 -7.67 -24.77 -12.89
CA LEU B 183 -6.85 -25.50 -13.85
C LEU B 183 -5.63 -26.15 -13.23
N THR B 184 -5.30 -25.82 -11.98
CA THR B 184 -4.18 -26.43 -11.27
C THR B 184 -4.56 -26.78 -9.84
N PRO B 185 -5.71 -27.45 -9.63
CA PRO B 185 -6.09 -27.80 -8.25
C PRO B 185 -5.20 -28.87 -7.63
N GLY B 186 -4.70 -29.81 -8.43
CA GLY B 186 -3.91 -30.90 -7.86
C GLY B 186 -2.64 -30.42 -7.19
N VAL B 187 -1.84 -29.61 -7.91
CA VAL B 187 -0.64 -29.04 -7.32
C VAL B 187 -0.97 -28.34 -6.02
N ALA B 188 -2.10 -27.63 -5.99
CA ALA B 188 -2.53 -26.95 -4.77
C ALA B 188 -2.72 -27.95 -3.64
N GLU B 189 -3.53 -28.99 -3.89
CA GLU B 189 -3.75 -30.01 -2.86
C GLU B 189 -2.43 -30.59 -2.36
N LEU B 190 -1.49 -30.86 -3.27
CA LEU B 190 -0.19 -31.39 -2.84
C LEU B 190 0.52 -30.40 -1.92
N THR B 191 0.59 -29.13 -2.32
CA THR B 191 1.26 -28.13 -1.49
C THR B 191 0.62 -28.05 -0.12
N VAL B 192 -0.71 -28.08 -0.06
CA VAL B 192 -1.41 -28.05 1.22
C VAL B 192 -1.01 -29.25 2.06
N ARG B 193 -1.02 -30.45 1.47
CA ARG B 193 -0.59 -31.63 2.20
C ARG B 193 0.82 -31.46 2.76
N LEU B 194 1.70 -30.78 2.01
CA LEU B 194 3.03 -30.53 2.51
C LEU B 194 3.04 -29.56 3.68
N TRP B 195 2.12 -28.58 3.69
CA TRP B 195 2.01 -27.74 4.88
C TRP B 195 1.48 -28.52 6.07
N GLU B 196 0.52 -29.41 5.85
CA GLU B 196 0.05 -30.28 6.92
C GLU B 196 1.20 -31.11 7.48
N LYS B 197 1.79 -31.94 6.62
CA LYS B 197 2.90 -32.81 7.00
C LYS B 197 4.06 -32.03 7.62
N ALA B 198 4.01 -30.71 7.55
CA ALA B 198 5.03 -29.87 8.17
C ALA B 198 4.69 -29.47 9.59
N GLY B 199 3.47 -29.76 10.05
CA GLY B 199 3.08 -29.43 11.40
C GLY B 199 2.39 -28.09 11.55
N LEU B 200 1.79 -27.56 10.50
CA LEU B 200 1.15 -26.26 10.58
C LEU B 200 -0.14 -26.37 11.40
N PRO B 201 -0.33 -25.56 12.44
CA PRO B 201 -1.51 -25.70 13.29
C PRO B 201 -2.81 -25.76 12.50
N ASP B 202 -3.80 -26.43 13.10
CA ASP B 202 -5.08 -26.64 12.43
C ASP B 202 -5.76 -25.31 12.14
N GLY B 203 -6.18 -25.13 10.90
CA GLY B 203 -6.88 -23.93 10.50
C GLY B 203 -6.00 -22.75 10.16
N VAL B 204 -4.68 -22.89 10.26
CA VAL B 204 -3.78 -21.80 9.91
C VAL B 204 -3.66 -21.66 8.39
N ILE B 205 -3.87 -22.75 7.66
CA ILE B 205 -4.05 -22.71 6.21
C ILE B 205 -5.27 -23.55 5.88
N ASN B 206 -6.04 -23.11 4.89
CA ASN B 206 -7.31 -23.75 4.58
C ASN B 206 -7.51 -23.75 3.07
N LEU B 207 -7.68 -24.94 2.49
CA LEU B 207 -7.76 -25.10 1.04
C LEU B 207 -9.22 -25.10 0.59
N VAL B 208 -9.52 -24.26 -0.40
CA VAL B 208 -10.86 -24.17 -0.98
C VAL B 208 -10.73 -24.29 -2.48
N GLN B 209 -10.90 -25.51 -3.01
CA GLN B 209 -10.91 -25.72 -4.45
C GLN B 209 -12.15 -25.08 -5.07
N GLY B 210 -12.11 -24.90 -6.38
CA GLY B 210 -13.28 -24.41 -7.09
C GLY B 210 -12.88 -23.54 -8.26
N GLY B 211 -13.90 -23.00 -8.93
CA GLY B 211 -13.71 -22.13 -10.08
C GLY B 211 -14.14 -20.70 -9.83
N SER B 212 -14.94 -20.16 -10.74
CA SER B 212 -15.40 -18.78 -10.61
C SER B 212 -16.34 -18.61 -9.41
N ASP B 213 -17.29 -19.54 -9.25
CA ASP B 213 -18.25 -19.43 -8.17
C ASP B 213 -17.56 -19.40 -6.81
N THR B 214 -16.63 -20.32 -6.58
CA THR B 214 -15.94 -20.40 -5.30
C THR B 214 -15.21 -19.09 -5.00
N GLY B 215 -14.42 -18.60 -5.96
CA GLY B 215 -13.73 -17.35 -5.76
C GLY B 215 -14.67 -16.19 -5.50
N LYS B 216 -15.83 -16.19 -6.16
CA LYS B 216 -16.85 -15.19 -5.87
C LYS B 216 -17.26 -15.25 -4.40
N CYS B 217 -17.63 -16.46 -3.92
CA CYS B 217 -18.06 -16.60 -2.53
C CYS B 217 -16.98 -16.18 -1.55
N LEU B 218 -15.71 -16.44 -1.88
CA LEU B 218 -14.61 -16.08 -0.98
C LEU B 218 -14.38 -14.57 -0.97
N ALA B 219 -14.27 -13.96 -2.17
CA ALA B 219 -13.95 -12.54 -2.25
C ALA B 219 -15.01 -11.67 -1.59
N ARG B 220 -16.29 -11.96 -1.83
CA ARG B 220 -17.34 -11.16 -1.23
C ARG B 220 -17.51 -11.44 0.26
N HIS B 221 -16.85 -12.48 0.79
CA HIS B 221 -17.10 -12.90 2.16
C HIS B 221 -16.68 -11.80 3.15
N SER B 222 -17.63 -11.37 3.97
CA SER B 222 -17.49 -10.21 4.83
C SER B 222 -16.55 -10.41 6.01
N LEU B 223 -15.85 -11.55 6.12
CA LEU B 223 -15.01 -11.80 7.29
C LEU B 223 -13.53 -11.98 6.97
N ILE B 224 -13.12 -11.89 5.71
CA ILE B 224 -11.69 -11.88 5.40
C ILE B 224 -11.08 -10.55 5.83
N ASP B 225 -9.80 -10.59 6.22
CA ASP B 225 -9.06 -9.40 6.60
C ASP B 225 -8.06 -8.94 5.55
N GLY B 226 -7.85 -9.71 4.49
CA GLY B 226 -7.00 -9.29 3.39
C GLY B 226 -7.21 -10.21 2.21
N LEU B 227 -6.84 -9.69 1.03
CA LEU B 227 -6.92 -10.51 -0.18
C LEU B 227 -5.66 -10.29 -1.01
N PHE B 228 -4.96 -11.37 -1.31
CA PHE B 228 -3.75 -11.35 -2.11
C PHE B 228 -4.02 -12.07 -3.42
N PHE B 229 -3.76 -11.38 -4.53
CA PHE B 229 -4.18 -11.84 -5.84
C PHE B 229 -3.00 -11.87 -6.79
N THR B 230 -2.87 -12.98 -7.52
CA THR B 230 -1.98 -13.10 -8.67
C THR B 230 -2.82 -13.63 -9.82
N GLY B 231 -3.01 -12.81 -10.85
CA GLY B 231 -3.83 -13.23 -11.96
C GLY B 231 -4.01 -12.12 -12.96
N SER B 232 -4.98 -12.33 -13.85
CA SER B 232 -5.21 -11.41 -14.95
C SER B 232 -5.57 -10.01 -14.43
N SER B 233 -5.12 -8.99 -15.17
CA SER B 233 -5.48 -7.63 -14.84
C SER B 233 -6.98 -7.40 -14.87
N THR B 234 -7.70 -8.19 -15.68
CA THR B 234 -9.15 -8.06 -15.78
C THR B 234 -9.81 -8.33 -14.44
N VAL B 235 -9.70 -9.59 -13.98
CA VAL B 235 -10.30 -9.98 -12.70
C VAL B 235 -9.72 -9.17 -11.56
N GLY B 236 -8.42 -8.84 -11.62
CA GLY B 236 -7.83 -8.00 -10.59
C GLY B 236 -8.55 -6.67 -10.45
N HIS B 237 -8.81 -6.02 -11.58
CA HIS B 237 -9.57 -4.77 -11.53
C HIS B 237 -10.99 -5.02 -11.04
N LEU B 238 -11.60 -6.14 -11.44
CA LEU B 238 -12.92 -6.48 -10.92
C LEU B 238 -12.91 -6.49 -9.39
N LEU B 239 -11.96 -7.21 -8.79
CA LEU B 239 -11.86 -7.23 -7.34
C LEU B 239 -11.67 -5.82 -6.79
N HIS B 240 -10.72 -5.07 -7.34
CA HIS B 240 -10.46 -3.74 -6.81
C HIS B 240 -11.74 -2.90 -6.80
N GLU B 241 -12.54 -2.99 -7.86
CA GLU B 241 -13.81 -2.26 -7.86
C GLU B 241 -14.76 -2.81 -6.81
N GLN B 242 -14.74 -4.13 -6.59
CA GLN B 242 -15.64 -4.72 -5.61
C GLN B 242 -15.39 -4.15 -4.21
N PHE B 243 -14.13 -4.06 -3.81
CA PHE B 243 -13.79 -3.51 -2.50
C PHE B 243 -13.91 -1.99 -2.44
N GLY B 244 -14.34 -1.33 -3.52
CA GLY B 244 -14.55 0.11 -3.51
C GLY B 244 -15.36 0.60 -2.33
N GLY B 245 -14.72 1.35 -1.44
CA GLY B 245 -15.37 1.85 -0.24
C GLY B 245 -15.04 1.08 1.02
N GLN B 246 -14.16 0.08 0.93
CA GLN B 246 -13.78 -0.76 2.06
C GLN B 246 -12.26 -0.70 2.23
N PRO B 247 -11.74 0.40 2.75
CA PRO B 247 -10.29 0.49 2.98
C PRO B 247 -9.76 -0.46 4.04
N GLU B 248 -10.63 -1.01 4.89
CA GLU B 248 -10.17 -1.83 6.01
C GLU B 248 -9.52 -3.13 5.56
N LYS B 249 -9.94 -3.66 4.41
CA LYS B 249 -9.41 -4.93 3.91
C LYS B 249 -8.25 -4.63 2.96
N ILE B 250 -7.04 -5.06 3.35
CA ILE B 250 -5.85 -4.79 2.55
C ILE B 250 -5.86 -5.68 1.31
N LEU B 251 -5.65 -5.05 0.15
CA LEU B 251 -5.69 -5.74 -1.13
C LEU B 251 -4.33 -5.65 -1.82
N ALA B 252 -3.85 -6.77 -2.31
CA ALA B 252 -2.63 -6.82 -3.11
C ALA B 252 -3.00 -7.41 -4.47
N LEU B 253 -2.74 -6.66 -5.53
CA LEU B 253 -3.09 -7.08 -6.88
C LEU B 253 -1.80 -7.23 -7.68
N GLU B 254 -1.61 -8.40 -8.27
CA GLU B 254 -0.43 -8.68 -9.08
C GLU B 254 -0.93 -9.16 -10.44
N MET B 255 -0.70 -8.36 -11.48
CA MET B 255 -1.39 -8.58 -12.76
C MET B 255 -0.37 -8.55 -13.90
N GLY B 256 -0.85 -8.82 -15.11
CA GLY B 256 0.01 -9.02 -16.26
C GLY B 256 0.65 -7.76 -16.80
N GLY B 257 1.07 -7.80 -18.05
CA GLY B 257 1.65 -6.63 -18.69
C GLY B 257 1.93 -6.94 -20.14
N ASN B 258 1.99 -5.88 -20.93
CA ASN B 258 2.33 -5.99 -22.36
C ASN B 258 3.80 -5.61 -22.54
N ASN B 259 4.64 -6.46 -21.99
CA ASN B 259 6.04 -6.11 -21.74
C ASN B 259 6.83 -5.94 -23.02
N PRO B 260 7.52 -4.80 -23.20
CA PRO B 260 8.37 -4.59 -24.39
C PRO B 260 9.84 -4.91 -24.13
N LEU B 261 10.52 -5.52 -25.11
CA LEU B 261 11.95 -5.76 -25.05
C LEU B 261 12.64 -5.07 -26.22
N ILE B 262 13.68 -4.29 -25.92
CA ILE B 262 14.43 -3.53 -26.92
C ILE B 262 15.74 -4.25 -27.20
N VAL B 263 16.07 -4.38 -28.49
CA VAL B 263 17.35 -4.96 -28.90
C VAL B 263 17.93 -4.13 -30.04
N GLN B 264 18.90 -3.28 -29.72
CA GLN B 264 19.49 -2.38 -30.72
C GLN B 264 20.99 -2.27 -30.48
N ASN B 265 21.77 -2.39 -31.56
CA ASN B 265 23.22 -2.22 -31.47
C ASN B 265 23.82 -3.27 -30.53
N VAL B 266 23.69 -4.54 -30.94
CA VAL B 266 24.26 -5.66 -30.21
C VAL B 266 25.37 -6.27 -31.06
N SER B 267 26.53 -6.47 -30.45
CA SER B 267 27.68 -7.04 -31.14
C SER B 267 27.72 -8.56 -31.09
N ASP B 268 26.94 -9.20 -30.22
CA ASP B 268 26.87 -10.65 -30.11
C ASP B 268 25.47 -11.09 -30.54
N LEU B 269 25.33 -11.47 -31.81
CA LEU B 269 24.01 -11.79 -32.35
C LEU B 269 23.36 -12.94 -31.60
N ASP B 270 23.99 -14.12 -31.64
CA ASP B 270 23.38 -15.29 -31.02
C ASP B 270 23.10 -15.06 -29.54
N GLY B 271 23.85 -14.17 -28.90
CA GLY B 271 23.54 -13.82 -27.51
C GLY B 271 22.20 -13.14 -27.38
N ALA B 272 22.00 -12.06 -28.14
CA ALA B 272 20.72 -11.35 -28.11
C ALA B 272 19.57 -12.24 -28.55
N VAL B 273 19.82 -13.16 -29.50
CA VAL B 273 18.79 -14.12 -29.87
C VAL B 273 18.47 -15.03 -28.69
N HIS B 274 19.50 -15.45 -27.96
CA HIS B 274 19.29 -16.23 -26.74
C HIS B 274 18.39 -15.49 -25.76
N HIS B 275 18.85 -14.34 -25.25
CA HIS B 275 18.05 -13.64 -24.25
C HIS B 275 16.65 -13.31 -24.76
N ALA B 276 16.52 -12.99 -26.04
CA ALA B 276 15.20 -12.72 -26.60
C ALA B 276 14.32 -13.95 -26.49
N LEU B 277 14.81 -15.11 -26.97
CA LEU B 277 14.02 -16.33 -26.91
C LEU B 277 13.63 -16.67 -25.48
N GLN B 278 14.58 -16.56 -24.55
CA GLN B 278 14.26 -16.65 -23.13
C GLN B 278 13.05 -15.79 -22.79
N SER B 279 13.13 -14.50 -23.11
CA SER B 279 12.14 -13.55 -22.62
C SER B 279 10.76 -13.80 -23.22
N ALA B 280 10.69 -14.20 -24.48
CA ALA B 280 9.41 -14.28 -25.16
C ALA B 280 8.80 -15.67 -25.18
N PHE B 281 9.59 -16.74 -25.06
CA PHE B 281 9.10 -18.08 -25.31
C PHE B 281 9.30 -19.05 -24.17
N LEU B 282 10.05 -18.67 -23.14
CA LEU B 282 10.21 -19.54 -21.99
C LEU B 282 8.85 -19.78 -21.34
N SER B 283 8.62 -21.01 -20.89
CA SER B 283 7.33 -21.40 -20.31
C SER B 283 6.21 -21.34 -21.35
N ALA B 284 6.52 -21.66 -22.61
CA ALA B 284 5.55 -21.50 -23.69
C ALA B 284 5.03 -20.06 -23.73
N GLY B 285 5.91 -19.11 -23.41
CA GLY B 285 5.50 -17.73 -23.32
C GLY B 285 4.45 -17.50 -22.26
N GLN B 286 4.43 -18.33 -21.21
CA GLN B 286 3.43 -18.27 -20.17
C GLN B 286 3.96 -17.75 -18.84
N ARG B 287 5.09 -17.03 -18.85
CA ARG B 287 5.56 -16.35 -17.66
C ARG B 287 5.10 -14.90 -17.73
N CYS B 288 4.47 -14.43 -16.64
CA CYS B 288 3.86 -13.12 -16.62
C CYS B 288 4.84 -12.01 -16.96
N THR B 289 6.14 -12.24 -16.81
CA THR B 289 7.15 -11.25 -17.19
C THR B 289 7.67 -11.45 -18.60
N CYS B 290 7.02 -12.29 -19.41
CA CYS B 290 7.46 -12.48 -20.79
C CYS B 290 7.29 -11.19 -21.58
N ALA B 291 8.16 -11.00 -22.57
CA ALA B 291 8.06 -9.90 -23.50
C ALA B 291 7.03 -10.24 -24.56
N ARG B 292 5.93 -9.50 -24.58
CA ARG B 292 4.89 -9.69 -25.58
C ARG B 292 5.10 -8.82 -26.82
N ARG B 293 6.05 -7.88 -26.77
CA ARG B 293 6.34 -6.99 -27.89
C ARG B 293 7.85 -6.80 -27.95
N LEU B 294 8.45 -7.14 -29.09
CA LEU B 294 9.88 -6.97 -29.31
C LEU B 294 10.11 -5.80 -30.24
N LEU B 295 11.06 -4.94 -29.90
CA LEU B 295 11.32 -3.71 -30.64
C LEU B 295 12.72 -3.75 -31.22
N VAL B 296 12.82 -3.63 -32.53
CA VAL B 296 14.08 -3.76 -33.26
C VAL B 296 14.26 -2.55 -34.17
N PRO B 297 15.44 -1.94 -34.23
CA PRO B 297 15.60 -0.74 -35.06
C PRO B 297 15.33 -1.06 -36.52
N LYS B 298 14.52 -0.21 -37.15
CA LYS B 298 14.11 -0.45 -38.52
C LYS B 298 15.33 -0.41 -39.44
N GLY B 299 15.31 -1.28 -40.44
CA GLY B 299 16.36 -1.30 -41.43
C GLY B 299 17.30 -2.48 -41.28
N LYS B 300 18.40 -2.37 -41.99
CA LYS B 300 19.39 -3.41 -42.20
C LYS B 300 19.82 -4.14 -40.92
N LYS B 301 20.18 -3.39 -39.88
CA LYS B 301 20.68 -4.02 -38.65
C LYS B 301 19.62 -4.97 -38.08
N GLY B 302 18.40 -4.44 -37.93
CA GLY B 302 17.32 -5.26 -37.42
C GLY B 302 17.00 -6.43 -38.33
N ASP B 303 17.11 -6.23 -39.64
CA ASP B 303 16.88 -7.33 -40.56
C ASP B 303 17.82 -8.49 -40.22
N GLU B 304 19.10 -8.18 -40.00
CA GLU B 304 20.04 -9.23 -39.65
C GLU B 304 19.59 -9.94 -38.37
N PHE B 305 19.28 -9.14 -37.33
CA PHE B 305 18.92 -9.74 -36.06
C PHE B 305 17.71 -10.65 -36.21
N LEU B 306 16.57 -10.10 -36.65
CA LEU B 306 15.36 -10.88 -36.80
C LEU B 306 15.59 -12.12 -37.66
N ALA B 307 16.45 -12.02 -38.68
CA ALA B 307 16.81 -13.21 -39.43
C ALA B 307 17.31 -14.30 -38.49
N ARG B 308 18.37 -14.02 -37.72
CA ARG B 308 18.88 -15.06 -36.83
C ARG B 308 17.83 -15.50 -35.81
N LEU B 309 17.09 -14.54 -35.24
CA LEU B 309 16.12 -14.88 -34.20
C LEU B 309 15.06 -15.84 -34.72
N VAL B 310 14.55 -15.60 -35.93
CA VAL B 310 13.57 -16.53 -36.49
C VAL B 310 14.22 -17.87 -36.76
N GLU B 311 15.45 -17.85 -37.30
CA GLU B 311 16.17 -19.10 -37.54
C GLU B 311 16.22 -19.97 -36.29
N VAL B 312 16.70 -19.42 -35.18
CA VAL B 312 16.85 -20.20 -33.95
C VAL B 312 15.49 -20.54 -33.34
N ALA B 313 14.56 -19.59 -33.39
CA ALA B 313 13.24 -19.83 -32.79
C ALA B 313 12.54 -21.01 -33.44
N ALA B 314 12.68 -21.15 -34.77
CA ALA B 314 12.12 -22.34 -35.42
C ALA B 314 12.73 -23.61 -34.86
N ARG B 315 13.99 -23.55 -34.42
CA ARG B 315 14.70 -24.72 -33.90
C ARG B 315 14.21 -25.13 -32.51
N ILE B 316 13.27 -24.41 -31.92
CA ILE B 316 12.78 -24.75 -30.59
C ILE B 316 11.94 -26.01 -30.63
N THR B 317 12.13 -26.88 -29.64
CA THR B 317 11.31 -28.08 -29.49
C THR B 317 10.16 -27.83 -28.53
N VAL B 318 9.04 -28.49 -28.79
CA VAL B 318 7.85 -28.40 -27.95
C VAL B 318 7.15 -29.76 -27.93
N ALA B 319 6.98 -30.32 -26.75
CA ALA B 319 6.41 -31.67 -26.63
C ALA B 319 5.77 -31.81 -25.26
N GLU B 320 5.45 -33.05 -24.88
CA GLU B 320 4.86 -33.32 -23.59
C GLU B 320 5.83 -32.91 -22.48
N PHE B 321 5.27 -32.62 -21.31
CA PHE B 321 6.09 -32.15 -20.20
C PHE B 321 7.23 -33.11 -19.88
N ASP B 322 7.09 -34.38 -20.21
CA ASP B 322 8.04 -35.43 -19.83
C ASP B 322 8.60 -36.18 -21.03
N ALA B 323 8.84 -35.48 -22.13
CA ALA B 323 9.40 -36.13 -23.31
C ALA B 323 10.81 -36.64 -23.01
N ASP B 324 11.13 -37.82 -23.55
CA ASP B 324 12.43 -38.44 -23.31
C ASP B 324 13.58 -37.45 -23.46
N PRO B 325 13.72 -36.72 -24.57
CA PRO B 325 14.57 -35.54 -24.56
C PRO B 325 13.76 -34.30 -24.20
N GLN B 326 14.11 -33.66 -23.09
CA GLN B 326 13.29 -32.57 -22.58
C GLN B 326 13.18 -31.46 -23.62
N PRO B 327 11.97 -31.04 -23.97
CA PRO B 327 11.80 -29.90 -24.90
C PRO B 327 12.07 -28.58 -24.19
N PHE B 328 12.06 -27.51 -25.00
CA PHE B 328 12.22 -26.18 -24.42
C PHE B 328 10.97 -25.75 -23.68
N MET B 329 9.81 -25.88 -24.33
CA MET B 329 8.54 -25.48 -23.73
C MET B 329 7.50 -26.56 -23.97
N GLY B 330 6.51 -26.58 -23.09
CA GLY B 330 5.43 -27.55 -23.16
C GLY B 330 4.17 -26.98 -23.77
N SER B 331 3.04 -27.58 -23.40
CA SER B 331 1.74 -27.16 -23.90
C SER B 331 1.24 -25.91 -23.17
N VAL B 332 0.23 -25.29 -23.75
CA VAL B 332 -0.51 -24.24 -23.04
C VAL B 332 -1.51 -24.92 -22.13
N ILE B 333 -2.06 -24.17 -21.17
CA ILE B 333 -2.83 -24.79 -20.09
C ILE B 333 -3.91 -25.71 -20.65
N SER B 334 -4.61 -25.25 -21.67
CA SER B 334 -5.72 -26.02 -22.24
C SER B 334 -5.65 -25.94 -23.75
N ALA B 335 -6.33 -26.89 -24.41
CA ALA B 335 -6.46 -26.81 -25.86
C ALA B 335 -7.27 -25.60 -26.28
N GLU B 336 -8.24 -25.19 -25.45
CA GLU B 336 -9.06 -24.03 -25.79
C GLU B 336 -8.22 -22.77 -25.83
N ALA B 337 -7.40 -22.54 -24.80
CA ALA B 337 -6.51 -21.39 -24.80
C ALA B 337 -5.71 -21.31 -26.09
N ALA B 338 -5.08 -22.42 -26.48
CA ALA B 338 -4.40 -22.47 -27.77
C ALA B 338 -5.32 -22.06 -28.91
N ASN B 339 -6.56 -22.57 -28.91
CA ASN B 339 -7.52 -22.19 -29.95
C ASN B 339 -7.69 -20.68 -30.01
N GLN B 340 -7.83 -20.03 -28.84
CA GLN B 340 -8.01 -18.59 -28.80
C GLN B 340 -6.74 -17.85 -29.21
N LEU B 341 -5.58 -18.45 -29.01
CA LEU B 341 -4.33 -17.86 -29.49
C LEU B 341 -4.26 -17.90 -31.01
N LEU B 342 -4.54 -19.06 -31.60
CA LEU B 342 -4.58 -19.17 -33.06
C LEU B 342 -5.56 -18.15 -33.64
N LYS B 343 -6.77 -18.08 -33.08
CA LYS B 343 -7.70 -17.04 -33.51
C LYS B 343 -7.11 -15.65 -33.27
N ALA B 344 -6.25 -15.51 -32.26
CA ALA B 344 -5.65 -14.22 -31.96
C ALA B 344 -4.74 -13.76 -33.09
N GLN B 345 -3.73 -14.57 -33.42
CA GLN B 345 -2.84 -14.17 -34.52
C GLN B 345 -3.61 -14.12 -35.84
N ALA B 346 -4.67 -14.93 -35.96
CA ALA B 346 -5.54 -14.81 -37.12
C ALA B 346 -6.13 -13.41 -37.21
N ALA B 347 -6.57 -12.85 -36.07
CA ALA B 347 -7.05 -11.48 -36.07
C ALA B 347 -5.94 -10.48 -36.32
N MET B 348 -4.71 -10.82 -35.95
CA MET B 348 -3.59 -9.91 -36.19
C MET B 348 -3.25 -9.84 -37.68
N LEU B 349 -3.12 -11.00 -38.34
CA LEU B 349 -2.73 -11.04 -39.74
C LEU B 349 -3.73 -10.28 -40.60
N GLU B 350 -5.01 -10.59 -40.46
CA GLU B 350 -6.05 -9.89 -41.21
C GLU B 350 -6.16 -8.42 -40.80
N LYS B 351 -5.52 -8.01 -39.70
CA LYS B 351 -5.48 -6.61 -39.32
C LYS B 351 -4.43 -5.85 -40.11
N GLY B 352 -3.51 -6.54 -40.77
CA GLY B 352 -2.47 -5.89 -41.55
C GLY B 352 -1.06 -6.37 -41.27
N ALA B 353 -0.90 -7.25 -40.29
CA ALA B 353 0.42 -7.76 -39.95
C ALA B 353 0.77 -8.99 -40.80
N THR B 354 2.06 -9.23 -40.94
CA THR B 354 2.59 -10.38 -41.69
C THR B 354 3.36 -11.28 -40.73
N SER B 355 3.26 -12.59 -40.97
CA SER B 355 3.81 -13.60 -40.07
C SER B 355 5.28 -13.86 -40.41
N LEU B 356 6.16 -13.47 -39.49
CA LEU B 356 7.57 -13.83 -39.60
C LEU B 356 7.81 -15.29 -39.29
N LEU B 357 7.03 -15.85 -38.37
CA LEU B 357 7.11 -17.26 -38.00
C LEU B 357 5.72 -17.69 -37.57
N GLU B 358 5.20 -18.72 -38.23
CA GLU B 358 3.80 -19.11 -38.03
C GLU B 358 3.64 -19.90 -36.73
N MET B 359 2.68 -19.47 -35.90
CA MET B 359 2.28 -20.24 -34.73
C MET B 359 1.44 -21.43 -35.16
N LYS B 360 1.93 -22.64 -34.88
CA LYS B 360 1.31 -23.85 -35.39
C LYS B 360 0.88 -24.75 -34.24
N GLN B 361 -0.26 -25.42 -34.43
CA GLN B 361 -0.73 -26.42 -33.47
C GLN B 361 -0.07 -27.75 -33.80
N LEU B 362 0.73 -28.27 -32.86
CA LEU B 362 1.60 -29.41 -33.16
C LEU B 362 0.88 -30.76 -33.12
N LYS B 363 -0.17 -30.90 -32.33
CA LYS B 363 -0.90 -32.15 -32.25
C LYS B 363 -2.39 -31.89 -32.23
N PRO B 364 -3.21 -32.89 -32.62
CA PRO B 364 -4.59 -32.61 -33.04
C PRO B 364 -5.38 -31.69 -32.13
N ASP B 365 -5.70 -32.12 -30.91
CA ASP B 365 -6.55 -31.33 -30.03
C ASP B 365 -5.86 -31.10 -28.69
N THR B 366 -4.67 -30.51 -28.74
CA THR B 366 -3.87 -30.27 -27.55
C THR B 366 -3.52 -28.79 -27.48
N GLY B 367 -2.74 -28.43 -26.45
CA GLY B 367 -2.30 -27.07 -26.28
C GLY B 367 -0.85 -26.89 -26.69
N LEU B 368 -0.35 -27.82 -27.50
CA LEU B 368 1.01 -27.74 -28.03
C LEU B 368 1.03 -26.72 -29.15
N LEU B 369 1.58 -25.53 -28.90
CA LEU B 369 1.72 -24.49 -29.90
C LEU B 369 3.18 -24.31 -30.27
N SER B 370 3.43 -24.09 -31.56
CA SER B 370 4.76 -23.76 -32.01
C SER B 370 5.01 -22.25 -31.87
N PRO B 371 6.26 -21.84 -31.71
CA PRO B 371 6.55 -20.42 -31.58
C PRO B 371 5.94 -19.62 -32.72
N GLY B 372 5.53 -18.39 -32.41
CA GLY B 372 4.96 -17.50 -33.41
C GLY B 372 5.49 -16.08 -33.30
N ILE B 373 5.98 -15.54 -34.41
CA ILE B 373 6.44 -14.16 -34.49
C ILE B 373 5.67 -13.46 -35.59
N VAL B 374 5.23 -12.23 -35.34
CA VAL B 374 4.40 -11.48 -36.25
C VAL B 374 4.85 -10.03 -36.26
N ASP B 375 4.99 -9.45 -37.46
CA ASP B 375 5.36 -8.04 -37.62
C ASP B 375 4.11 -7.23 -37.92
N ALA B 376 3.81 -6.26 -37.07
CA ALA B 376 2.74 -5.29 -37.27
C ALA B 376 3.26 -3.88 -37.03
N THR B 377 4.34 -3.52 -37.74
CA THR B 377 5.05 -2.28 -37.44
C THR B 377 4.13 -1.07 -37.57
N GLY B 378 3.38 -1.00 -38.66
CA GLY B 378 2.46 0.10 -38.86
C GLY B 378 1.06 -0.15 -38.39
N ILE B 379 0.75 -1.41 -38.07
CA ILE B 379 -0.61 -1.78 -37.71
C ILE B 379 -0.88 -1.41 -36.25
N GLU B 380 -2.16 -1.26 -35.91
CA GLU B 380 -2.57 -0.89 -34.56
C GLU B 380 -3.50 -1.97 -34.00
N LEU B 381 -2.96 -2.86 -33.17
CA LEU B 381 -3.73 -3.88 -32.50
C LEU B 381 -4.05 -3.43 -31.08
N GLU B 382 -4.85 -4.24 -30.38
CA GLU B 382 -5.27 -3.92 -29.02
C GLU B 382 -4.12 -4.02 -28.04
N ASP B 383 -4.15 -3.14 -27.03
CA ASP B 383 -3.27 -3.22 -25.87
C ASP B 383 -3.84 -4.27 -24.92
N GLN B 384 -3.45 -5.53 -25.14
CA GLN B 384 -4.04 -6.62 -24.38
C GLN B 384 -2.96 -7.62 -23.97
N GLU B 385 -3.09 -8.16 -22.76
CA GLU B 385 -2.21 -9.20 -22.25
C GLU B 385 -2.68 -10.58 -22.70
N PHE B 386 -1.74 -11.53 -22.76
CA PHE B 386 -2.07 -12.86 -23.23
C PHE B 386 -0.89 -13.80 -23.01
N PHE B 387 -1.18 -15.02 -22.58
CA PHE B 387 -0.17 -16.07 -22.47
C PHE B 387 -0.15 -16.93 -23.72
N GLY B 388 1.04 -17.24 -24.18
CA GLY B 388 1.24 -18.04 -25.37
C GLY B 388 2.48 -17.58 -26.08
N PRO B 389 3.00 -18.41 -26.97
CA PRO B 389 4.20 -18.07 -27.74
C PRO B 389 3.93 -17.21 -28.97
N LEU B 390 3.13 -16.15 -28.81
CA LEU B 390 2.80 -15.23 -29.88
C LEU B 390 3.46 -13.89 -29.57
N LEU B 391 4.49 -13.55 -30.33
CA LEU B 391 5.29 -12.35 -30.09
C LEU B 391 5.04 -11.34 -31.20
N THR B 392 4.56 -10.16 -30.83
CA THR B 392 4.39 -9.07 -31.77
C THR B 392 5.67 -8.27 -31.84
N VAL B 393 6.14 -8.00 -33.06
CA VAL B 393 7.36 -7.24 -33.30
C VAL B 393 6.99 -5.92 -33.95
N TYR B 394 7.69 -4.86 -33.55
CA TYR B 394 7.51 -3.52 -34.09
C TYR B 394 8.86 -2.95 -34.44
N ARG B 395 8.97 -2.36 -35.62
CA ARG B 395 10.21 -1.78 -36.09
C ARG B 395 10.13 -0.27 -35.92
N TYR B 396 11.23 0.34 -35.50
CA TYR B 396 11.22 1.74 -35.10
C TYR B 396 12.40 2.46 -35.73
N LYS B 397 12.25 3.78 -35.87
CA LYS B 397 13.29 4.61 -36.46
C LYS B 397 14.28 5.08 -35.40
N GLY B 398 14.03 6.23 -34.79
CA GLY B 398 14.90 6.71 -33.74
C GLY B 398 14.67 5.96 -32.44
N PHE B 399 15.72 5.91 -31.62
CA PHE B 399 15.58 5.27 -30.31
C PHE B 399 14.58 6.03 -29.46
N ASP B 400 14.59 7.36 -29.55
CA ASP B 400 13.58 8.18 -28.90
C ASP B 400 12.16 7.83 -29.36
N GLU B 401 12.02 7.17 -30.51
CA GLU B 401 10.74 6.56 -30.87
C GLU B 401 10.52 5.24 -30.14
N ALA B 402 11.58 4.44 -30.00
CA ALA B 402 11.48 3.18 -29.28
C ALA B 402 10.95 3.40 -27.86
N LEU B 403 11.50 4.37 -27.14
CA LEU B 403 10.95 4.67 -25.81
C LEU B 403 9.48 5.04 -25.88
N GLU B 404 9.08 5.81 -26.90
CA GLU B 404 7.66 6.11 -27.08
C GLU B 404 6.86 4.82 -27.19
N LEU B 405 7.37 3.84 -27.93
CA LEU B 405 6.62 2.60 -28.12
C LEU B 405 6.55 1.77 -26.84
N ALA B 406 7.67 1.65 -26.13
CA ALA B 406 7.70 0.83 -24.93
C ALA B 406 6.59 1.22 -23.96
N ASN B 407 6.45 2.51 -23.70
CA ASN B 407 5.41 3.03 -22.81
C ASN B 407 4.03 3.07 -23.46
N ASN B 408 3.89 2.58 -24.70
CA ASN B 408 2.61 2.59 -25.41
C ASN B 408 1.69 1.47 -24.92
N THR B 409 1.42 1.49 -23.61
CA THR B 409 0.59 0.46 -22.99
C THR B 409 0.23 0.91 -21.58
N ARG B 410 -1.00 0.64 -21.16
CA ARG B 410 -1.40 0.98 -19.80
C ARG B 410 -0.84 0.00 -18.77
N TYR B 411 -0.39 -1.18 -19.20
CA TYR B 411 0.28 -2.10 -18.30
C TYR B 411 1.70 -1.61 -18.02
N GLY B 412 2.25 -2.04 -16.89
CA GLY B 412 3.59 -1.62 -16.52
C GLY B 412 4.32 -2.62 -15.65
N LEU B 413 4.51 -3.84 -16.15
CA LEU B 413 5.16 -4.88 -15.37
C LEU B 413 6.67 -4.90 -15.64
N SER B 414 7.07 -5.50 -16.75
CA SER B 414 8.47 -5.62 -17.09
C SER B 414 8.76 -4.95 -18.44
N ALA B 415 10.04 -4.65 -18.65
CA ALA B 415 10.57 -4.09 -19.88
C ALA B 415 12.08 -4.04 -19.75
N GLY B 416 12.77 -4.19 -20.88
CA GLY B 416 14.23 -4.17 -20.85
C GLY B 416 14.79 -4.03 -22.25
N ILE B 417 16.09 -3.78 -22.30
CA ILE B 417 16.81 -3.57 -23.55
C ILE B 417 18.04 -4.47 -23.59
N LEU B 418 18.30 -5.06 -24.75
CA LEU B 418 19.52 -5.82 -25.00
C LEU B 418 20.42 -4.95 -25.86
N SER B 419 21.51 -4.46 -25.27
CA SER B 419 22.37 -3.54 -25.98
C SER B 419 23.74 -3.52 -25.33
N ASP B 420 24.73 -3.15 -26.14
CA ASP B 420 26.10 -2.96 -25.66
C ASP B 420 26.32 -1.57 -25.09
N ASP B 421 25.43 -0.63 -25.40
CA ASP B 421 25.55 0.77 -24.99
C ASP B 421 24.83 0.97 -23.67
N ARG B 422 25.59 1.24 -22.60
CA ARG B 422 24.97 1.46 -21.30
C ARG B 422 24.01 2.64 -21.31
N LYS B 423 24.27 3.66 -22.14
CA LYS B 423 23.44 4.86 -22.06
C LYS B 423 22.03 4.63 -22.62
N LEU B 424 21.85 3.67 -23.52
CA LEU B 424 20.49 3.30 -23.91
C LEU B 424 19.72 2.74 -22.71
N TYR B 425 20.38 1.88 -21.92
CA TYR B 425 19.77 1.40 -20.69
C TYR B 425 19.51 2.56 -19.72
N ASN B 426 20.51 3.40 -19.49
CA ASN B 426 20.34 4.51 -18.55
C ASN B 426 19.14 5.36 -18.91
N ARG B 427 19.00 5.73 -20.20
CA ARG B 427 17.88 6.57 -20.58
C ARG B 427 16.57 5.78 -20.54
N LEU B 428 16.63 4.47 -20.77
CA LEU B 428 15.45 3.62 -20.57
C LEU B 428 14.96 3.69 -19.12
N VAL B 429 15.82 3.31 -18.17
CA VAL B 429 15.49 3.43 -16.76
C VAL B 429 14.96 4.82 -16.45
N GLU B 430 15.61 5.85 -16.99
CA GLU B 430 15.18 7.22 -16.75
C GLU B 430 13.73 7.44 -17.17
N GLU B 431 13.36 6.90 -18.34
CA GLU B 431 12.08 7.25 -18.95
C GLU B 431 10.98 6.21 -18.76
N VAL B 432 11.32 4.92 -18.77
CA VAL B 432 10.30 3.87 -18.81
C VAL B 432 9.51 3.82 -17.51
N ARG B 433 8.22 3.51 -17.62
CA ARG B 433 7.31 3.38 -16.49
C ARG B 433 6.94 1.90 -16.40
N ALA B 434 7.77 1.12 -15.69
CA ALA B 434 7.53 -0.31 -15.58
C ALA B 434 8.12 -0.85 -14.28
N GLY B 435 7.61 -1.99 -13.85
CA GLY B 435 7.98 -2.61 -12.59
C GLY B 435 9.40 -3.12 -12.50
N ILE B 436 9.77 -4.04 -13.41
CA ILE B 436 11.14 -4.50 -13.53
C ILE B 436 11.61 -4.21 -14.94
N VAL B 437 12.84 -3.72 -15.08
CA VAL B 437 13.39 -3.28 -16.36
C VAL B 437 14.82 -3.79 -16.42
N ASN B 438 15.08 -4.76 -17.30
CA ASN B 438 16.36 -5.44 -17.36
C ASN B 438 17.20 -4.99 -18.56
N TRP B 439 18.52 -5.19 -18.41
CA TRP B 439 19.50 -4.85 -19.44
C TRP B 439 20.43 -6.04 -19.64
N ASN B 440 20.38 -6.64 -20.82
CA ASN B 440 21.21 -7.77 -21.23
C ASN B 440 20.85 -9.08 -20.53
N ARG B 441 19.75 -9.11 -19.80
CA ARG B 441 19.22 -10.35 -19.25
C ARG B 441 17.76 -10.48 -19.66
N PRO B 442 17.28 -11.71 -19.84
CA PRO B 442 15.89 -11.90 -20.27
C PRO B 442 14.92 -11.23 -19.30
N LEU B 443 13.75 -10.88 -19.83
CA LEU B 443 12.71 -10.30 -18.98
C LEU B 443 12.26 -11.30 -17.92
N THR B 444 12.23 -12.58 -18.27
CA THR B 444 11.92 -13.63 -17.31
C THR B 444 13.03 -13.72 -16.26
N GLY B 445 12.82 -14.61 -15.30
CA GLY B 445 13.79 -14.82 -14.23
C GLY B 445 13.99 -13.64 -13.31
N ALA B 446 12.93 -13.15 -12.69
CA ALA B 446 13.09 -12.09 -11.72
C ALA B 446 13.85 -12.60 -10.49
N SER B 447 14.20 -11.68 -9.61
CA SER B 447 14.93 -12.00 -8.38
C SER B 447 14.03 -11.75 -7.20
N SER B 448 13.68 -12.82 -6.47
CA SER B 448 12.87 -12.70 -5.26
C SER B 448 13.53 -11.85 -4.18
N ALA B 449 14.83 -11.54 -4.32
CA ALA B 449 15.54 -10.74 -3.33
C ALA B 449 15.27 -9.25 -3.44
N ALA B 450 14.61 -8.81 -4.51
CA ALA B 450 14.20 -7.43 -4.72
C ALA B 450 12.73 -7.40 -5.08
N PRO B 451 12.07 -6.26 -4.88
CA PRO B 451 10.62 -6.19 -5.10
C PRO B 451 10.19 -6.66 -6.47
N PHE B 452 8.88 -6.81 -6.64
CA PHE B 452 8.25 -7.29 -7.88
C PHE B 452 6.83 -6.71 -7.90
N GLY B 453 6.73 -5.48 -8.34
CA GLY B 453 5.45 -4.80 -8.33
C GLY B 453 5.19 -4.01 -9.60
N GLY B 454 4.13 -4.37 -10.30
CA GLY B 454 3.79 -3.70 -11.53
C GLY B 454 3.09 -2.36 -11.30
N VAL B 455 3.34 -1.45 -12.23
CA VAL B 455 2.69 -0.15 -12.22
C VAL B 455 1.63 -0.12 -13.32
N GLY B 456 0.80 0.91 -13.28
CA GLY B 456 -0.32 0.95 -14.20
C GLY B 456 -1.27 -0.20 -13.89
N ALA B 457 -1.69 -0.90 -14.94
CA ALA B 457 -2.63 -2.01 -14.79
C ALA B 457 -1.95 -3.33 -14.41
N SER B 458 -0.73 -3.30 -13.88
CA SER B 458 -0.04 -4.50 -13.42
C SER B 458 0.06 -4.56 -11.91
N GLY B 459 -0.74 -3.79 -11.21
CA GLY B 459 -0.75 -3.82 -9.77
C GLY B 459 -1.41 -2.59 -9.19
N ASN B 460 -1.69 -2.66 -7.90
CA ASN B 460 -2.27 -1.56 -7.15
C ASN B 460 -1.25 -0.94 -6.21
N HIS B 461 0.03 -1.08 -6.55
CA HIS B 461 1.11 -0.46 -5.79
C HIS B 461 1.30 -1.19 -4.46
N ARG B 462 1.15 -2.51 -4.52
CA ARG B 462 1.47 -3.43 -3.44
C ARG B 462 2.48 -4.43 -3.98
N PRO B 463 3.71 -4.00 -4.25
CA PRO B 463 4.67 -4.91 -4.89
C PRO B 463 4.92 -6.13 -4.03
N SER B 464 5.05 -7.29 -4.68
CA SER B 464 5.21 -8.55 -3.97
C SER B 464 6.68 -8.94 -3.84
N ALA B 465 6.97 -10.24 -3.97
CA ALA B 465 8.31 -10.74 -3.72
C ALA B 465 8.84 -10.21 -2.40
N TYR B 466 9.95 -9.46 -2.46
CA TYR B 466 10.56 -8.94 -1.24
C TYR B 466 9.59 -8.01 -0.51
N TYR B 467 9.11 -6.98 -1.21
CA TYR B 467 8.13 -6.09 -0.60
C TYR B 467 6.83 -6.80 -0.31
N ALA B 468 6.76 -8.12 -0.55
CA ALA B 468 5.64 -8.90 -0.02
C ALA B 468 5.50 -8.63 1.47
N ALA B 469 6.63 -8.64 2.20
CA ALA B 469 6.56 -8.42 3.64
C ALA B 469 5.81 -7.14 3.99
N ASP B 470 5.74 -6.18 3.06
CA ASP B 470 5.08 -4.90 3.34
C ASP B 470 3.58 -5.05 3.46
N TYR B 471 2.96 -5.89 2.63
CA TYR B 471 1.51 -6.03 2.65
C TYR B 471 1.04 -7.23 3.48
N CYS B 472 1.95 -7.93 4.16
CA CYS B 472 1.56 -8.98 5.09
C CYS B 472 1.49 -8.52 6.53
N ALA B 473 2.11 -7.39 6.87
CA ALA B 473 2.11 -6.92 8.24
C ALA B 473 1.92 -5.41 8.24
N TRP B 474 1.15 -4.92 9.21
CA TRP B 474 1.00 -3.49 9.41
C TRP B 474 1.74 -3.03 10.65
N PRO B 475 2.13 -1.76 10.72
CA PRO B 475 3.03 -1.31 11.79
C PRO B 475 2.30 -0.75 13.00
N MET B 476 2.85 -1.08 14.17
CA MET B 476 2.43 -0.56 15.47
C MET B 476 3.61 0.16 16.09
N ALA B 477 3.46 1.46 16.32
CA ALA B 477 4.50 2.31 16.91
C ALA B 477 4.05 2.82 18.26
N SER B 478 4.97 2.81 19.23
CA SER B 478 4.66 3.09 20.62
C SER B 478 5.67 4.06 21.22
N LEU B 479 5.16 4.98 22.03
CA LEU B 479 5.98 5.86 22.87
C LEU B 479 5.83 5.36 24.31
N GLU B 480 6.80 4.55 24.74
CA GLU B 480 6.82 3.99 26.08
C GLU B 480 7.49 4.95 27.05
N ALA B 481 7.08 4.86 28.32
CA ALA B 481 7.61 5.74 29.36
C ALA B 481 8.15 4.93 30.54
N GLY B 482 7.25 4.20 31.21
CA GLY B 482 7.60 3.44 32.40
C GLY B 482 6.87 3.92 33.65
N LYS B 483 6.60 5.21 33.75
CA LYS B 483 5.84 5.76 34.87
C LYS B 483 5.18 7.04 34.40
N SER B 484 3.86 7.11 34.54
CA SER B 484 3.11 8.30 34.18
C SER B 484 3.35 9.37 35.24
N GLU B 485 4.11 10.41 34.87
CA GLU B 485 4.53 11.42 35.82
C GLU B 485 4.74 12.76 35.11
N LEU B 486 4.64 13.84 35.88
CA LEU B 486 4.56 15.17 35.34
C LEU B 486 5.83 15.58 34.60
N PRO B 487 5.71 16.44 33.60
CA PRO B 487 6.90 16.99 32.94
C PRO B 487 7.58 18.03 33.82
N ASP B 488 8.80 18.39 33.45
CA ASP B 488 9.54 19.41 34.20
C ASP B 488 8.81 20.74 34.15
N SER B 489 8.49 21.22 32.95
CA SER B 489 7.75 22.46 32.76
C SER B 489 6.36 22.12 32.25
N LEU B 490 5.33 22.49 33.02
CA LEU B 490 3.97 22.20 32.63
C LEU B 490 3.55 23.12 31.48
N ALA B 491 2.44 22.79 30.85
CA ALA B 491 1.84 23.64 29.84
C ALA B 491 0.98 24.72 30.48
N PRO B 492 0.63 25.75 29.72
CA PRO B 492 -0.27 26.77 30.25
C PRO B 492 -1.65 26.19 30.53
N GLY B 493 -2.34 26.79 31.51
CA GLY B 493 -3.68 26.38 31.84
C GLY B 493 -3.80 25.09 32.62
N LEU B 494 -2.70 24.57 33.15
CA LEU B 494 -2.69 23.34 33.93
C LEU B 494 -2.27 23.69 35.36
N ASN B 495 -3.21 23.52 36.30
CA ASN B 495 -2.99 23.81 37.70
C ASN B 495 -3.16 22.54 38.53
N PHE B 496 -2.18 22.26 39.39
CA PHE B 496 -2.27 21.14 40.32
C PHE B 496 -2.20 21.63 41.77
#